data_5S7C
#
_entry.id   5S7C
#
_cell.length_a   127.432
_cell.length_b   84.574
_cell.length_c   88.024
_cell.angle_alpha   90.000
_cell.angle_beta   131.020
_cell.angle_gamma   90.000
#
_symmetry.space_group_name_H-M   'C 1 2 1'
#
loop_
_entity.id
_entity.type
_entity.pdbx_description
1 polymer 'Activin receptor type-1'
2 non-polymer 4-methyl-3-[4-(1-methylpiperidin-4-yl)phenyl]-5-(3,4,5-trimethoxyphenyl)pyridine
3 non-polymer 1,2-ETHANEDIOL
4 non-polymer 'DIMETHYL SULFOXIDE'
5 non-polymer pyridin-2-ol
6 non-polymer 'SULFATE ION'
7 water water
#
_entity_poly.entity_id   1
_entity_poly.type   'polypeptide(L)'
_entity_poly.pdbx_seq_one_letter_code
;SMQRTVARDITLLECVGKGRYGEVWRGSWQGENVAVKIFSSRDEKSWFRETELYNTVMLRHENILGFIASDMTSRHSSTQ
LWLITHYHEMGSLYDYLQLTTLDTVSCLRIVLSIASGLAHLHIEIFGTQGKPAIAHRDLKSKNILVKKNGQCCIADLGLA
VMHSQSTNQLDVGNNPRVGTKRYMAPEVLDETIQVDCFDSYKRVDIWAFGLVLWEVARRMVSNGIVEDYKPPFYDVVPND
PSFEDMRKVVCVDQQRPNIPNRWFSDPTLTSLAKLMKECWYQNPSARLTALRIKKTLTKID
;
_entity_poly.pdbx_strand_id   A,B
#
loop_
_chem_comp.id
_chem_comp.type
_chem_comp.name
_chem_comp.formula
DMS non-polymer 'DIMETHYL SULFOXIDE' 'C2 H6 O S'
EDO non-polymer 1,2-ETHANEDIOL 'C2 H6 O2'
LU8 non-polymer 4-methyl-3-[4-(1-methylpiperidin-4-yl)phenyl]-5-(3,4,5-trimethoxyphenyl)pyridine 'C27 H32 N2 O3'
SO4 non-polymer 'SULFATE ION' 'O4 S -2'
T5Y non-polymer pyridin-2-ol 'C5 H5 N O'
#
# COMPACT_ATOMS: atom_id res chain seq x y z
N ARG A 4 41.94 -5.37 5.33
CA ARG A 4 40.66 -5.03 5.98
C ARG A 4 40.43 -5.97 7.18
N THR A 5 40.03 -5.39 8.30
CA THR A 5 39.71 -6.11 9.56
C THR A 5 38.22 -6.43 9.55
N VAL A 6 37.86 -7.70 9.79
CA VAL A 6 36.45 -8.15 9.92
C VAL A 6 36.29 -8.69 11.34
N ALA A 7 35.77 -7.82 12.21
CA ALA A 7 35.59 -8.13 13.63
C ALA A 7 34.24 -8.81 13.76
N ARG A 8 34.22 -10.13 13.95
CA ARG A 8 32.96 -10.89 13.91
C ARG A 8 32.58 -11.43 15.29
N ASP A 9 33.52 -11.47 16.25
CA ASP A 9 33.22 -12.10 17.53
C ASP A 9 32.01 -11.42 18.19
N ILE A 10 31.04 -12.22 18.64
CA ILE A 10 29.90 -11.75 19.46
C ILE A 10 30.09 -12.32 20.87
N THR A 11 29.94 -11.50 21.90
CA THR A 11 30.02 -11.94 23.31
C THR A 11 28.61 -12.31 23.77
N LEU A 12 28.39 -13.54 24.17
CA LEU A 12 27.09 -13.96 24.70
C LEU A 12 27.07 -13.50 26.16
N LEU A 13 26.01 -12.83 26.58
CA LEU A 13 25.96 -12.19 27.93
C LEU A 13 24.91 -12.88 28.80
N GLU A 14 23.68 -13.03 28.33
CA GLU A 14 22.65 -13.64 29.19
C GLU A 14 21.66 -14.41 28.33
N CYS A 15 21.26 -15.58 28.79
CA CYS A 15 20.21 -16.37 28.11
C CYS A 15 18.85 -15.75 28.42
N VAL A 16 18.07 -15.40 27.39
CA VAL A 16 16.72 -14.78 27.55
C VAL A 16 15.63 -15.74 27.09
N GLY A 17 15.96 -16.96 26.64
CA GLY A 17 14.96 -17.93 26.22
C GLY A 17 15.58 -19.27 25.95
N LYS A 18 14.92 -20.35 26.38
CA LYS A 18 15.40 -21.72 26.16
C LYS A 18 14.16 -22.55 25.88
N GLY A 19 14.22 -23.38 24.84
CA GLY A 19 13.12 -24.28 24.49
C GLY A 19 13.65 -25.46 23.72
N ARG A 20 12.75 -26.22 23.10
CA ARG A 20 13.08 -27.29 22.13
C ARG A 20 13.75 -26.66 20.88
N TYR A 21 13.35 -25.45 20.43
CA TYR A 21 13.96 -24.78 19.25
C TYR A 21 15.49 -24.64 19.45
N GLY A 22 15.93 -24.55 20.70
CA GLY A 22 17.27 -24.08 21.06
C GLY A 22 17.18 -22.98 22.09
N GLU A 23 18.02 -21.96 21.96
CA GLU A 23 18.20 -20.89 22.98
C GLU A 23 18.25 -19.52 22.30
N VAL A 24 17.79 -18.46 22.97
CA VAL A 24 18.09 -17.05 22.54
C VAL A 24 18.93 -16.39 23.63
N TRP A 25 19.94 -15.67 23.23
CA TRP A 25 20.86 -14.92 24.09
C TRP A 25 20.84 -13.44 23.75
N ARG A 26 20.95 -12.60 24.76
CA ARG A 26 21.46 -11.23 24.58
C ARG A 26 22.95 -11.33 24.37
N GLY A 27 23.46 -10.74 23.30
CA GLY A 27 24.90 -10.70 23.06
C GLY A 27 25.32 -9.28 22.77
N SER A 28 26.61 -9.11 22.60
CA SER A 28 27.21 -7.79 22.31
C SER A 28 28.12 -7.91 21.10
N TRP A 29 28.01 -6.95 20.19
CA TRP A 29 28.90 -6.79 19.03
C TRP A 29 29.22 -5.32 18.86
N GLN A 30 30.50 -4.94 18.95
CA GLN A 30 30.92 -3.53 18.75
C GLN A 30 30.10 -2.58 19.64
N GLY A 31 29.90 -2.97 20.90
CA GLY A 31 29.32 -2.10 21.92
C GLY A 31 27.80 -2.09 21.94
N GLU A 32 27.15 -2.86 21.05
CA GLU A 32 25.67 -2.83 20.89
C GLU A 32 25.08 -4.20 21.18
N ASN A 33 23.88 -4.21 21.73
CA ASN A 33 23.16 -5.48 21.96
C ASN A 33 22.70 -6.07 20.60
N VAL A 34 22.82 -7.37 20.53
CA VAL A 34 22.21 -8.20 19.46
C VAL A 34 21.52 -9.38 20.13
N ALA A 35 20.52 -9.94 19.47
CA ALA A 35 19.89 -11.19 19.88
C ALA A 35 20.47 -12.35 19.08
N VAL A 36 20.83 -13.43 19.75
CA VAL A 36 21.48 -14.57 19.07
C VAL A 36 20.62 -15.78 19.33
N LYS A 37 20.00 -16.33 18.31
CA LYS A 37 19.26 -17.59 18.42
C LYS A 37 20.18 -18.73 18.01
N ILE A 38 20.42 -19.66 18.92
CA ILE A 38 21.28 -20.82 18.69
C ILE A 38 20.35 -22.01 18.48
N PHE A 39 20.35 -22.62 17.32
CA PHE A 39 19.37 -23.69 16.97
C PHE A 39 19.83 -25.04 17.50
N SER A 40 18.85 -25.78 18.01
CA SER A 40 19.03 -27.24 18.21
C SER A 40 19.20 -27.94 16.87
N SER A 41 19.93 -29.06 16.83
CA SER A 41 20.00 -29.91 15.62
C SER A 41 18.58 -30.34 15.24
N ARG A 42 17.68 -30.47 16.21
CA ARG A 42 16.26 -30.88 16.03
C ARG A 42 15.55 -29.88 15.11
N ASP A 43 15.95 -28.61 15.14
CA ASP A 43 15.22 -27.54 14.41
C ASP A 43 16.11 -26.87 13.38
N GLU A 44 17.10 -27.58 12.83
CA GLU A 44 18.01 -26.98 11.82
C GLU A 44 17.16 -26.44 10.69
N LYS A 45 16.05 -27.07 10.30
CA LYS A 45 15.34 -26.66 9.08
C LYS A 45 14.83 -25.23 9.26
N SER A 46 14.49 -24.80 10.46
CA SER A 46 14.00 -23.42 10.68
C SER A 46 15.14 -22.43 10.34
N TRP A 47 16.38 -22.74 10.70
CA TRP A 47 17.53 -21.84 10.36
C TRP A 47 17.65 -21.79 8.84
N PHE A 48 17.62 -22.96 8.20
CA PHE A 48 17.77 -23.02 6.73
C PHE A 48 16.65 -22.23 6.04
N ARG A 49 15.42 -22.39 6.50
CA ARG A 49 14.29 -21.70 5.83
C ARG A 49 14.41 -20.19 6.00
N GLU A 50 14.68 -19.72 7.18
CA GLU A 50 14.77 -18.28 7.42
C GLU A 50 15.96 -17.70 6.64
N THR A 51 17.08 -18.42 6.63
CA THR A 51 18.28 -17.98 5.89
C THR A 51 17.94 -17.96 4.38
N GLU A 52 17.31 -19.02 3.87
CA GLU A 52 16.97 -19.04 2.42
C GLU A 52 16.05 -17.87 2.08
N LEU A 53 15.09 -17.56 2.95
CA LEU A 53 14.17 -16.41 2.70
C LEU A 53 14.97 -15.10 2.64
N TYR A 54 15.82 -14.85 3.62
CA TYR A 54 16.58 -13.59 3.69
C TYR A 54 17.62 -13.52 2.55
N ASN A 55 18.08 -14.67 2.03
CA ASN A 55 18.96 -14.68 0.84
C ASN A 55 18.17 -14.35 -0.42
N THR A 56 16.85 -14.53 -0.39
CA THR A 56 15.92 -14.23 -1.49
C THR A 56 15.52 -12.76 -1.45
N VAL A 57 15.11 -12.29 -0.28
CA VAL A 57 14.62 -10.91 -0.08
C VAL A 57 15.12 -10.47 1.29
N MET A 58 15.87 -9.36 1.31
CA MET A 58 16.33 -8.79 2.59
C MET A 58 15.17 -7.92 3.13
N LEU A 59 14.33 -8.55 3.93
CA LEU A 59 13.18 -7.81 4.49
C LEU A 59 13.69 -6.68 5.37
N ARG A 60 13.07 -5.51 5.24
CA ARG A 60 13.40 -4.35 6.09
C ARG A 60 12.10 -3.63 6.36
N HIS A 61 11.62 -3.73 7.59
CA HIS A 61 10.35 -3.07 7.96
C HIS A 61 10.39 -2.86 9.46
N GLU A 62 9.86 -1.73 9.91
CA GLU A 62 9.86 -1.39 11.34
C GLU A 62 9.14 -2.44 12.19
N ASN A 63 8.22 -3.20 11.60
CA ASN A 63 7.42 -4.17 12.38
C ASN A 63 7.78 -5.62 12.04
N ILE A 64 8.99 -5.82 11.51
N ILE A 64 8.98 -5.82 11.51
CA ILE A 64 9.62 -7.14 11.28
CA ILE A 64 9.59 -7.17 11.35
C ILE A 64 10.92 -7.15 12.07
C ILE A 64 10.95 -7.19 12.02
N LEU A 65 11.17 -8.17 12.87
CA LEU A 65 12.45 -8.24 13.62
C LEU A 65 13.62 -8.07 12.66
N GLY A 66 14.54 -7.20 13.02
CA GLY A 66 15.61 -6.80 12.08
C GLY A 66 16.67 -7.84 11.96
N PHE A 67 16.88 -8.33 10.75
CA PHE A 67 17.96 -9.29 10.47
C PHE A 67 19.32 -8.61 10.55
N ILE A 68 20.30 -9.31 11.14
CA ILE A 68 21.72 -8.90 11.12
C ILE A 68 22.55 -9.96 10.39
N ALA A 69 22.46 -11.20 10.82
CA ALA A 69 23.32 -12.22 10.23
C ALA A 69 22.78 -13.63 10.43
N SER A 70 23.11 -14.54 9.52
N SER A 70 23.20 -14.53 9.57
CA SER A 70 23.02 -16.02 9.64
CA SER A 70 23.02 -15.99 9.73
C SER A 70 24.44 -16.59 9.65
C SER A 70 24.39 -16.65 9.62
N ASP A 71 24.78 -17.41 10.63
CA ASP A 71 26.13 -18.01 10.69
C ASP A 71 26.00 -19.51 10.83
N MET A 72 26.77 -20.19 10.02
CA MET A 72 27.04 -21.65 10.20
C MET A 72 28.54 -21.79 10.54
N THR A 73 28.83 -22.44 11.65
CA THR A 73 30.23 -22.70 12.04
C THR A 73 30.45 -24.21 12.16
N SER A 74 31.51 -24.71 11.54
CA SER A 74 31.93 -26.13 11.63
C SER A 74 32.47 -26.38 13.06
N ARG A 75 31.95 -27.42 13.70
CA ARG A 75 32.52 -27.96 14.96
C ARG A 75 32.97 -29.40 14.72
N HIS A 76 33.76 -29.95 15.66
CA HIS A 76 34.38 -31.30 15.55
C HIS A 76 33.36 -32.30 15.01
N SER A 77 32.19 -32.36 15.66
CA SER A 77 31.22 -33.46 15.52
C SER A 77 29.83 -32.92 15.17
N SER A 78 29.69 -31.62 14.88
CA SER A 78 28.39 -30.94 14.72
C SER A 78 28.57 -29.64 13.93
N THR A 79 27.45 -29.10 13.53
CA THR A 79 27.36 -27.78 12.87
C THR A 79 26.64 -26.82 13.83
N GLN A 80 27.22 -25.65 14.11
CA GLN A 80 26.59 -24.61 14.98
C GLN A 80 25.84 -23.63 14.06
N LEU A 81 24.57 -23.39 14.34
CA LEU A 81 23.70 -22.52 13.51
C LEU A 81 23.19 -21.38 14.38
N TRP A 82 23.55 -20.16 14.03
CA TRP A 82 23.09 -18.96 14.76
C TRP A 82 22.31 -18.05 13.83
N LEU A 83 21.25 -17.42 14.33
CA LEU A 83 20.58 -16.30 13.68
C LEU A 83 20.79 -15.10 14.60
N ILE A 84 21.26 -14.01 14.03
CA ILE A 84 21.58 -12.78 14.78
C ILE A 84 20.65 -11.70 14.32
N THR A 85 19.97 -11.04 15.25
CA THR A 85 18.98 -10.00 14.95
C THR A 85 19.15 -8.81 15.88
N HIS A 86 18.42 -7.75 15.60
CA HIS A 86 18.15 -6.71 16.60
C HIS A 86 17.70 -7.35 17.91
N TYR A 87 17.99 -6.64 19.01
CA TYR A 87 17.62 -7.04 20.37
C TYR A 87 16.55 -6.06 20.89
N HIS A 88 15.45 -6.63 21.36
CA HIS A 88 14.34 -5.84 21.96
C HIS A 88 14.24 -6.15 23.45
N GLU A 89 14.78 -5.23 24.25
CA GLU A 89 14.96 -5.56 25.69
C GLU A 89 13.61 -5.74 26.40
N MET A 90 12.49 -5.24 25.88
CA MET A 90 11.19 -5.41 26.55
C MET A 90 10.69 -6.82 26.41
N GLY A 91 11.24 -7.62 25.51
CA GLY A 91 10.87 -9.01 25.33
C GLY A 91 9.62 -9.23 24.51
N SER A 92 9.03 -10.39 24.62
CA SER A 92 7.89 -10.76 23.76
C SER A 92 6.60 -10.10 24.26
N LEU A 93 5.64 -9.99 23.34
CA LEU A 93 4.28 -9.51 23.68
C LEU A 93 3.66 -10.46 24.72
N TYR A 94 3.86 -11.74 24.60
CA TYR A 94 3.37 -12.74 25.57
C TYR A 94 3.86 -12.36 26.97
N ASP A 95 5.15 -12.08 27.18
N ASP A 95 5.18 -12.07 27.07
CA ASP A 95 5.53 -11.77 28.59
CA ASP A 95 5.87 -11.67 28.33
C ASP A 95 5.04 -10.34 28.94
C ASP A 95 5.25 -10.39 28.88
N TYR A 96 5.09 -9.41 28.01
CA TYR A 96 4.72 -8.03 28.33
C TYR A 96 3.28 -8.01 28.84
N LEU A 97 2.37 -8.76 28.21
CA LEU A 97 0.94 -8.74 28.60
C LEU A 97 0.74 -9.36 29.98
N GLN A 98 1.68 -10.17 30.48
CA GLN A 98 1.45 -10.87 31.77
C GLN A 98 1.26 -9.87 32.90
N LEU A 99 2.12 -8.85 32.96
CA LEU A 99 2.14 -7.87 34.09
C LEU A 99 2.28 -6.44 33.56
N THR A 100 1.62 -6.13 32.44
CA THR A 100 1.25 -4.78 32.01
C THR A 100 -0.22 -4.76 31.60
N THR A 101 -0.94 -3.70 31.96
CA THR A 101 -2.22 -3.38 31.32
C THR A 101 -2.04 -2.25 30.33
N LEU A 102 -3.02 -2.05 29.45
CA LEU A 102 -2.93 -1.12 28.33
C LEU A 102 -4.02 -0.07 28.43
N ASP A 103 -3.76 1.09 27.89
CA ASP A 103 -4.83 2.07 27.62
C ASP A 103 -5.23 1.95 26.15
N THR A 104 -6.14 2.74 25.68
CA THR A 104 -6.69 2.69 24.32
C THR A 104 -5.59 2.97 23.30
N VAL A 105 -4.81 4.02 23.51
CA VAL A 105 -3.77 4.38 22.50
C VAL A 105 -2.74 3.26 22.43
N SER A 106 -2.25 2.74 23.55
N SER A 106 -2.29 2.71 23.55
CA SER A 106 -1.20 1.68 23.57
CA SER A 106 -1.20 1.69 23.54
C SER A 106 -1.78 0.43 22.89
C SER A 106 -1.73 0.37 22.99
N CYS A 107 -2.98 0.00 23.24
CA CYS A 107 -3.58 -1.20 22.67
C CYS A 107 -3.64 -1.06 21.16
N LEU A 108 -4.16 0.06 20.63
CA LEU A 108 -4.30 0.25 19.19
C LEU A 108 -2.91 0.27 18.53
N ARG A 109 -1.95 0.88 19.19
CA ARG A 109 -0.61 1.03 18.58
C ARG A 109 0.01 -0.35 18.46
N ILE A 110 -0.12 -1.22 19.48
CA ILE A 110 0.36 -2.60 19.42
C ILE A 110 -0.32 -3.33 18.25
N VAL A 111 -1.65 -3.33 18.18
CA VAL A 111 -2.27 -4.19 17.17
C VAL A 111 -2.07 -3.65 15.76
N LEU A 112 -2.10 -2.34 15.58
CA LEU A 112 -1.89 -1.78 14.22
C LEU A 112 -0.44 -2.08 13.81
N SER A 113 0.52 -2.03 14.74
CA SER A 113 1.92 -2.33 14.34
C SER A 113 2.05 -3.79 13.88
N ILE A 114 1.33 -4.68 14.57
CA ILE A 114 1.38 -6.11 14.15
C ILE A 114 0.74 -6.26 12.77
N ALA A 115 -0.42 -5.64 12.59
CA ALA A 115 -1.10 -5.69 11.27
C ALA A 115 -0.20 -5.15 10.16
N SER A 116 0.55 -4.11 10.48
N SER A 116 0.55 -4.09 10.47
CA SER A 116 1.45 -3.45 9.50
CA SER A 116 1.44 -3.45 9.48
C SER A 116 2.57 -4.42 9.12
C SER A 116 2.56 -4.42 9.10
N GLY A 117 3.17 -5.07 10.09
CA GLY A 117 4.22 -6.04 9.79
C GLY A 117 3.63 -7.20 9.00
N LEU A 118 2.45 -7.66 9.36
CA LEU A 118 1.84 -8.82 8.66
C LEU A 118 1.50 -8.48 7.22
N ALA A 119 0.91 -7.30 7.00
CA ALA A 119 0.57 -6.87 5.63
C ALA A 119 1.86 -6.74 4.84
N HIS A 120 2.96 -6.27 5.42
CA HIS A 120 4.23 -6.20 4.68
C HIS A 120 4.66 -7.60 4.25
N LEU A 121 4.58 -8.58 5.15
CA LEU A 121 4.92 -9.96 4.76
C LEU A 121 4.01 -10.40 3.61
N HIS A 122 2.72 -10.24 3.77
CA HIS A 122 1.72 -10.82 2.84
C HIS A 122 1.79 -10.24 1.42
N ILE A 123 2.26 -9.00 1.28
N ILE A 123 2.10 -8.97 1.26
CA ILE A 123 2.14 -8.26 -0.02
CA ILE A 123 1.82 -8.34 -0.07
C ILE A 123 3.26 -8.67 -0.98
C ILE A 123 3.06 -8.40 -0.98
N GLU A 124 2.90 -8.94 -2.21
CA GLU A 124 3.94 -8.99 -3.26
C GLU A 124 4.23 -7.57 -3.76
N ILE A 125 5.50 -7.20 -3.86
CA ILE A 125 5.92 -5.87 -4.41
C ILE A 125 6.66 -6.24 -5.71
N PHE A 126 6.26 -5.65 -6.84
CA PHE A 126 6.91 -5.93 -8.15
C PHE A 126 8.06 -4.97 -8.40
N GLY A 127 8.91 -5.34 -9.37
CA GLY A 127 10.05 -4.52 -9.83
C GLY A 127 11.04 -4.27 -8.71
N GLY A 130 11.55 -4.97 -4.94
CA GLY A 130 10.30 -5.69 -4.64
C GLY A 130 10.52 -6.92 -3.76
N LYS A 131 9.50 -7.76 -3.60
CA LYS A 131 9.54 -8.89 -2.64
C LYS A 131 8.45 -9.85 -3.06
N PRO A 132 8.67 -11.16 -2.86
CA PRO A 132 7.60 -12.12 -2.97
C PRO A 132 6.62 -11.93 -1.80
N ALA A 133 5.39 -12.32 -2.01
CA ALA A 133 4.43 -12.50 -0.91
C ALA A 133 4.95 -13.59 0.03
N ILE A 134 4.74 -13.40 1.34
CA ILE A 134 5.20 -14.32 2.41
C ILE A 134 4.05 -14.56 3.38
N ALA A 135 3.79 -15.80 3.71
CA ALA A 135 2.95 -16.17 4.86
C ALA A 135 3.85 -16.65 5.99
N HIS A 136 3.55 -16.26 7.21
CA HIS A 136 4.37 -16.54 8.40
C HIS A 136 4.22 -17.99 8.88
N ARG A 137 2.99 -18.40 9.10
CA ARG A 137 2.59 -19.79 9.48
C ARG A 137 2.85 -20.12 10.94
N ASP A 138 3.37 -19.22 11.76
CA ASP A 138 3.41 -19.48 13.21
C ASP A 138 3.25 -18.18 14.00
N LEU A 139 2.23 -17.42 13.63
CA LEU A 139 2.01 -16.14 14.32
C LEU A 139 1.39 -16.42 15.69
N LYS A 140 1.91 -15.78 16.70
CA LYS A 140 1.46 -15.99 18.09
C LYS A 140 2.14 -14.93 18.94
N SER A 141 1.68 -14.76 20.17
CA SER A 141 2.19 -13.66 21.01
C SER A 141 3.66 -13.87 21.43
N LYS A 142 4.15 -15.11 21.48
CA LYS A 142 5.59 -15.33 21.77
C LYS A 142 6.46 -14.98 20.57
N ASN A 143 5.88 -14.87 19.38
CA ASN A 143 6.64 -14.54 18.15
C ASN A 143 6.49 -13.07 17.78
N ILE A 144 6.10 -12.23 18.74
CA ILE A 144 5.99 -10.76 18.56
C ILE A 144 6.79 -10.12 19.66
N LEU A 145 7.69 -9.20 19.33
CA LEU A 145 8.50 -8.49 20.31
CA LEU A 145 8.49 -8.48 20.31
C LEU A 145 7.96 -7.05 20.47
N VAL A 146 8.08 -6.53 21.68
CA VAL A 146 7.67 -5.15 22.02
C VAL A 146 8.88 -4.25 21.91
N LYS A 147 8.73 -3.15 21.17
CA LYS A 147 9.81 -2.16 21.06
C LYS A 147 9.56 -1.01 22.06
N LYS A 148 10.62 -0.27 22.33
CA LYS A 148 10.57 0.83 23.31
C LYS A 148 9.59 1.90 22.87
N ASN A 149 9.37 2.08 21.56
CA ASN A 149 8.45 3.13 21.08
C ASN A 149 6.97 2.68 21.10
N GLY A 150 6.68 1.49 21.63
CA GLY A 150 5.28 1.05 21.83
C GLY A 150 4.75 0.29 20.66
N GLN A 151 5.47 0.21 19.56
CA GLN A 151 5.11 -0.66 18.44
C GLN A 151 5.74 -2.02 18.70
N CYS A 152 5.27 -3.02 17.96
CA CYS A 152 5.82 -4.39 18.03
C CYS A 152 6.48 -4.75 16.72
N CYS A 153 7.19 -5.86 16.73
CA CYS A 153 7.71 -6.46 15.51
C CYS A 153 7.50 -7.96 15.53
N ILE A 154 7.31 -8.50 14.34
CA ILE A 154 7.05 -9.95 14.13
C ILE A 154 8.37 -10.66 13.94
N ALA A 155 8.51 -11.79 14.61
CA ALA A 155 9.73 -12.62 14.62
C ALA A 155 9.40 -14.04 14.16
N ASP A 156 10.47 -14.74 13.77
CA ASP A 156 10.54 -16.19 13.50
C ASP A 156 9.91 -16.52 12.17
N LEU A 157 10.73 -16.56 11.12
CA LEU A 157 10.28 -16.92 9.77
C LEU A 157 10.74 -18.33 9.42
N GLY A 158 10.94 -19.14 10.45
CA GLY A 158 11.39 -20.52 10.23
C GLY A 158 10.39 -21.40 9.56
N LEU A 159 9.12 -21.04 9.58
N LEU A 159 9.11 -21.04 9.59
CA LEU A 159 8.06 -21.81 8.91
CA LEU A 159 8.05 -21.81 8.88
C LEU A 159 7.47 -21.04 7.72
C LEU A 159 7.47 -21.04 7.71
N ALA A 160 8.01 -19.85 7.42
CA ALA A 160 7.40 -18.97 6.42
C ALA A 160 7.47 -19.61 5.06
N VAL A 161 6.50 -19.27 4.23
CA VAL A 161 6.44 -19.69 2.82
C VAL A 161 6.39 -18.46 1.93
N MET A 162 7.11 -18.52 0.82
CA MET A 162 7.17 -17.45 -0.19
C MET A 162 6.32 -17.84 -1.41
N HIS A 163 5.70 -16.87 -2.04
CA HIS A 163 5.00 -17.02 -3.35
C HIS A 163 5.50 -15.96 -4.34
N ARG A 177 8.63 -29.36 11.54
CA ARG A 177 7.95 -28.29 12.32
C ARG A 177 6.60 -27.98 11.68
N VAL A 178 5.56 -27.86 12.52
CA VAL A 178 4.23 -27.33 12.09
C VAL A 178 3.90 -26.18 13.02
N GLY A 179 2.86 -25.43 12.70
CA GLY A 179 2.50 -24.29 13.55
C GLY A 179 2.17 -24.69 14.99
N THR A 180 2.12 -23.74 15.88
CA THR A 180 1.67 -23.94 17.29
C THR A 180 0.20 -24.31 17.28
N LYS A 181 -0.15 -25.47 17.88
CA LYS A 181 -1.49 -26.05 17.70
CA LYS A 181 -1.48 -26.05 17.68
C LYS A 181 -2.58 -25.12 18.24
N ARG A 182 -2.31 -24.43 19.35
CA ARG A 182 -3.34 -23.56 19.96
C ARG A 182 -3.83 -22.52 18.95
N TYR A 183 -2.95 -22.09 18.06
CA TYR A 183 -3.25 -21.01 17.10
C TYR A 183 -3.64 -21.51 15.74
N MET A 184 -3.76 -22.82 15.55
CA MET A 184 -4.06 -23.36 14.22
C MET A 184 -5.50 -23.06 13.80
N ALA A 185 -5.65 -22.64 12.54
CA ALA A 185 -6.97 -22.40 11.93
C ALA A 185 -7.72 -23.70 11.74
N PRO A 186 -9.05 -23.66 11.60
CA PRO A 186 -9.82 -24.89 11.47
C PRO A 186 -9.39 -25.74 10.28
N GLU A 187 -9.09 -25.11 9.16
CA GLU A 187 -8.72 -25.84 7.92
C GLU A 187 -7.40 -26.55 8.10
N VAL A 188 -6.52 -26.07 8.96
CA VAL A 188 -5.28 -26.81 9.29
C VAL A 188 -5.63 -28.01 10.15
N LEU A 189 -6.42 -27.81 11.19
CA LEU A 189 -6.82 -28.91 12.11
C LEU A 189 -7.62 -30.00 11.40
N ASP A 190 -8.48 -29.68 10.44
CA ASP A 190 -9.32 -30.70 9.76
C ASP A 190 -8.67 -31.09 8.43
N GLU A 191 -7.46 -30.60 8.19
CA GLU A 191 -6.63 -31.02 7.04
C GLU A 191 -7.39 -30.77 5.73
N THR A 192 -8.28 -29.78 5.65
CA THR A 192 -8.98 -29.37 4.40
C THR A 192 -8.24 -28.23 3.72
N ILE A 193 -7.22 -27.66 4.36
CA ILE A 193 -6.50 -26.52 3.75
C ILE A 193 -6.09 -26.86 2.31
N GLN A 194 -6.30 -25.90 1.42
CA GLN A 194 -5.86 -26.01 -0.01
C GLN A 194 -4.36 -25.74 -0.06
N VAL A 195 -3.55 -26.80 0.02
CA VAL A 195 -2.07 -26.78 0.27
C VAL A 195 -1.29 -26.19 -0.92
N ASP A 196 -1.86 -26.22 -2.12
CA ASP A 196 -1.21 -25.75 -3.38
C ASP A 196 -1.56 -24.27 -3.58
N CYS A 197 -2.29 -23.66 -2.66
CA CYS A 197 -2.93 -22.36 -2.89
C CYS A 197 -2.31 -21.34 -1.92
N PHE A 198 -1.54 -20.38 -2.42
CA PHE A 198 -0.76 -19.53 -1.49
C PHE A 198 -1.72 -18.73 -0.61
N ASP A 199 -2.84 -18.26 -1.13
CA ASP A 199 -3.77 -17.44 -0.34
C ASP A 199 -4.25 -18.23 0.90
N SER A 200 -4.32 -19.54 0.84
CA SER A 200 -4.71 -20.35 2.01
C SER A 200 -3.81 -20.00 3.19
N TYR A 201 -2.52 -19.80 2.94
CA TYR A 201 -1.58 -19.61 4.05
C TYR A 201 -1.75 -18.21 4.63
N LYS A 202 -2.05 -17.23 3.81
CA LYS A 202 -2.36 -15.90 4.37
C LYS A 202 -3.55 -16.02 5.31
N ARG A 203 -4.59 -16.78 4.91
CA ARG A 203 -5.83 -16.85 5.69
C ARG A 203 -5.58 -17.58 7.03
N VAL A 204 -4.61 -18.48 7.07
CA VAL A 204 -4.21 -19.14 8.34
C VAL A 204 -3.55 -18.08 9.23
N ASP A 205 -2.75 -17.16 8.69
CA ASP A 205 -2.12 -16.14 9.52
C ASP A 205 -3.21 -15.23 10.06
N ILE A 206 -4.21 -14.89 9.27
CA ILE A 206 -5.28 -13.97 9.73
C ILE A 206 -6.05 -14.55 10.91
N TRP A 207 -6.35 -15.84 10.88
CA TRP A 207 -6.96 -16.51 12.03
C TRP A 207 -6.10 -16.28 13.27
N ALA A 208 -4.79 -16.60 13.16
CA ALA A 208 -3.86 -16.42 14.29
C ALA A 208 -3.77 -14.95 14.74
N PHE A 209 -3.76 -14.02 13.79
CA PHE A 209 -3.80 -12.60 14.14
C PHE A 209 -5.01 -12.28 15.00
N GLY A 210 -6.18 -12.81 14.61
CA GLY A 210 -7.39 -12.56 15.42
C GLY A 210 -7.22 -13.01 16.86
N LEU A 211 -6.61 -14.17 17.06
CA LEU A 211 -6.34 -14.69 18.42
C LEU A 211 -5.40 -13.76 19.19
N VAL A 212 -4.34 -13.26 18.54
CA VAL A 212 -3.41 -12.32 19.17
C VAL A 212 -4.16 -11.03 19.52
N LEU A 213 -5.01 -10.57 18.62
N LEU A 213 -5.03 -10.55 18.63
CA LEU A 213 -5.84 -9.36 18.87
CA LEU A 213 -5.82 -9.34 18.93
C LEU A 213 -6.65 -9.56 20.16
C LEU A 213 -6.62 -9.56 20.21
N TRP A 214 -7.25 -10.73 20.31
CA TRP A 214 -8.04 -11.06 21.53
C TRP A 214 -7.15 -11.03 22.75
N GLU A 215 -5.95 -11.60 22.69
CA GLU A 215 -5.02 -11.65 23.84
C GLU A 215 -4.70 -10.24 24.30
N VAL A 216 -4.49 -9.34 23.37
CA VAL A 216 -4.07 -7.96 23.69
C VAL A 216 -5.28 -7.19 24.22
N ALA A 217 -6.42 -7.29 23.57
CA ALA A 217 -7.63 -6.53 23.90
C ALA A 217 -8.05 -6.81 25.34
N ARG A 218 -7.90 -8.04 25.79
CA ARG A 218 -8.24 -8.42 27.16
C ARG A 218 -7.48 -7.54 28.17
N ARG A 219 -6.27 -7.10 27.82
CA ARG A 219 -5.41 -6.36 28.75
C ARG A 219 -5.67 -4.85 28.65
N MET A 220 -6.58 -4.40 27.84
CA MET A 220 -6.93 -2.97 27.69
C MET A 220 -7.97 -2.63 28.76
N VAL A 221 -7.70 -1.64 29.59
CA VAL A 221 -8.59 -1.25 30.71
C VAL A 221 -9.75 -0.44 30.14
N SER A 222 -10.97 -0.71 30.59
CA SER A 222 -12.13 0.16 30.32
C SER A 222 -12.99 0.19 31.60
N ASN A 223 -13.39 1.40 32.01
CA ASN A 223 -14.30 1.58 33.19
C ASN A 223 -13.72 0.85 34.40
N GLY A 224 -12.39 0.88 34.64
CA GLY A 224 -11.71 0.27 35.80
C GLY A 224 -11.64 -1.24 35.78
N ILE A 225 -11.92 -1.85 34.62
CA ILE A 225 -12.00 -3.33 34.48
C ILE A 225 -10.90 -3.75 33.47
N VAL A 226 -10.31 -4.89 33.74
CA VAL A 226 -9.39 -5.56 32.79
C VAL A 226 -9.50 -7.05 33.01
N GLU A 227 -9.30 -7.85 31.96
CA GLU A 227 -9.18 -9.31 32.15
C GLU A 227 -7.72 -9.66 32.45
N ASP A 228 -7.50 -10.72 33.21
CA ASP A 228 -6.16 -11.30 33.40
C ASP A 228 -5.63 -11.80 32.04
N TYR A 229 -4.33 -11.83 31.87
CA TYR A 229 -3.74 -12.46 30.67
C TYR A 229 -4.15 -13.93 30.68
N LYS A 230 -4.66 -14.36 29.53
CA LYS A 230 -4.85 -15.80 29.26
C LYS A 230 -4.50 -16.06 27.80
N PRO A 231 -4.00 -17.27 27.48
CA PRO A 231 -3.82 -17.63 26.09
C PRO A 231 -5.12 -18.00 25.44
N PRO A 232 -5.22 -17.96 24.09
CA PRO A 232 -6.46 -18.33 23.41
C PRO A 232 -6.86 -19.73 23.84
N PHE A 233 -8.16 -19.91 24.05
CA PHE A 233 -8.76 -21.23 24.34
C PHE A 233 -8.35 -21.76 25.70
N TYR A 234 -7.84 -20.93 26.61
CA TYR A 234 -7.39 -21.36 27.97
C TYR A 234 -8.48 -22.11 28.72
N ASP A 235 -9.74 -21.81 28.44
CA ASP A 235 -10.88 -22.35 29.19
C ASP A 235 -11.43 -23.62 28.58
N VAL A 236 -10.93 -24.07 27.44
CA VAL A 236 -11.54 -25.24 26.75
C VAL A 236 -10.52 -26.30 26.33
N VAL A 237 -9.21 -26.04 26.46
CA VAL A 237 -8.18 -27.05 26.12
C VAL A 237 -7.16 -27.08 27.22
N PRO A 238 -6.44 -28.20 27.38
CA PRO A 238 -5.33 -28.24 28.33
C PRO A 238 -4.13 -27.41 27.91
N ASN A 239 -3.18 -27.28 28.81
CA ASN A 239 -1.82 -26.88 28.39
C ASN A 239 -1.28 -27.88 27.38
N ASP A 240 -0.51 -27.42 26.40
CA ASP A 240 0.05 -28.26 25.34
C ASP A 240 -1.07 -29.12 24.78
N PRO A 241 -2.10 -28.46 24.24
CA PRO A 241 -3.25 -29.18 23.74
C PRO A 241 -2.87 -30.05 22.56
N SER A 242 -3.49 -31.20 22.45
CA SER A 242 -3.23 -32.06 21.29
C SER A 242 -3.92 -31.54 20.03
N PHE A 243 -3.54 -32.08 18.92
N PHE A 243 -3.59 -32.05 18.85
CA PHE A 243 -4.18 -31.77 17.66
CA PHE A 243 -4.33 -31.77 17.60
C PHE A 243 -5.67 -32.10 17.78
C PHE A 243 -5.79 -32.10 17.78
N GLU A 244 -6.07 -33.24 18.37
CA GLU A 244 -7.48 -33.65 18.54
C GLU A 244 -8.20 -32.69 19.48
N ASP A 245 -7.56 -32.28 20.57
CA ASP A 245 -8.19 -31.35 21.51
C ASP A 245 -8.60 -30.09 20.73
N MET A 246 -7.67 -29.56 19.95
CA MET A 246 -7.96 -28.35 19.16
C MET A 246 -9.02 -28.58 18.09
N ARG A 247 -8.95 -29.71 17.38
CA ARG A 247 -9.93 -29.99 16.33
C ARG A 247 -11.34 -30.05 16.91
N LYS A 248 -11.53 -30.67 18.05
CA LYS A 248 -12.87 -30.77 18.63
CA LYS A 248 -12.87 -30.78 18.63
C LYS A 248 -13.42 -29.38 18.95
N VAL A 249 -12.58 -28.52 19.54
CA VAL A 249 -13.05 -27.18 19.92
C VAL A 249 -13.35 -26.36 18.68
N VAL A 250 -12.36 -26.25 17.78
CA VAL A 250 -12.40 -25.26 16.69
C VAL A 250 -13.21 -25.74 15.48
N CYS A 251 -13.11 -27.03 15.16
CA CYS A 251 -13.75 -27.60 13.94
C CYS A 251 -15.10 -28.17 14.30
N VAL A 252 -15.18 -29.01 15.32
CA VAL A 252 -16.43 -29.78 15.49
C VAL A 252 -17.42 -28.90 16.24
N ASP A 253 -17.03 -28.36 17.39
CA ASP A 253 -17.95 -27.49 18.15
C ASP A 253 -17.95 -26.08 17.62
N GLN A 254 -16.93 -25.66 16.88
CA GLN A 254 -16.85 -24.31 16.26
C GLN A 254 -16.85 -23.25 17.35
N GLN A 255 -16.16 -23.49 18.47
CA GLN A 255 -15.99 -22.48 19.53
C GLN A 255 -15.03 -21.38 19.06
N ARG A 256 -15.25 -20.20 19.63
CA ARG A 256 -14.35 -19.05 19.43
C ARG A 256 -14.11 -18.44 20.79
N PRO A 257 -13.01 -17.69 20.96
CA PRO A 257 -12.78 -17.02 22.23
C PRO A 257 -13.94 -16.11 22.65
N ASN A 258 -14.23 -16.13 23.92
N ASN A 258 -14.14 -16.09 23.96
CA ASN A 258 -15.39 -15.36 24.42
CA ASN A 258 -15.22 -15.31 24.66
C ASN A 258 -15.03 -13.88 24.51
C ASN A 258 -14.97 -13.81 24.47
N ILE A 259 -16.02 -13.06 24.20
CA ILE A 259 -15.96 -11.58 24.26
C ILE A 259 -16.69 -11.16 25.52
N PRO A 260 -16.00 -10.64 26.56
CA PRO A 260 -16.64 -10.22 27.79
C PRO A 260 -17.65 -9.08 27.60
N ASN A 261 -18.71 -9.10 28.42
CA ASN A 261 -19.73 -8.05 28.35
C ASN A 261 -19.10 -6.66 28.51
N ARG A 262 -18.11 -6.52 29.39
CA ARG A 262 -17.56 -5.16 29.64
C ARG A 262 -17.01 -4.53 28.37
N TRP A 263 -16.60 -5.31 27.36
CA TRP A 263 -16.09 -4.70 26.13
C TRP A 263 -17.15 -3.82 25.47
N PHE A 264 -18.44 -4.18 25.61
CA PHE A 264 -19.55 -3.53 24.88
C PHE A 264 -19.88 -2.18 25.53
N SER A 265 -19.23 -1.81 26.63
CA SER A 265 -19.35 -0.42 27.16
C SER A 265 -18.28 0.48 26.55
N ASP A 266 -17.32 -0.09 25.82
CA ASP A 266 -16.14 0.69 25.38
C ASP A 266 -16.12 0.69 23.88
N PRO A 267 -16.11 1.86 23.19
CA PRO A 267 -16.21 1.87 21.74
C PRO A 267 -15.01 1.18 21.07
N THR A 268 -13.82 1.32 21.63
CA THR A 268 -12.61 0.70 21.03
C THR A 268 -12.76 -0.82 21.11
N LEU A 269 -13.07 -1.37 22.28
CA LEU A 269 -13.15 -2.84 22.40
C LEU A 269 -14.35 -3.37 21.63
N THR A 270 -15.43 -2.60 21.52
CA THR A 270 -16.58 -3.01 20.67
C THR A 270 -16.10 -3.18 19.22
N SER A 271 -15.37 -2.20 18.69
CA SER A 271 -14.81 -2.27 17.32
C SER A 271 -13.80 -3.42 17.19
N LEU A 272 -12.96 -3.63 18.17
CA LEU A 272 -11.96 -4.72 18.12
C LEU A 272 -12.68 -6.09 18.16
N ALA A 273 -13.74 -6.24 18.94
CA ALA A 273 -14.50 -7.49 18.93
C ALA A 273 -15.01 -7.79 17.52
N LYS A 274 -15.59 -6.81 16.85
CA LYS A 274 -16.08 -6.99 15.48
C LYS A 274 -14.93 -7.45 14.59
N LEU A 275 -13.77 -6.79 14.73
CA LEU A 275 -12.62 -7.11 13.89
C LEU A 275 -12.16 -8.55 14.12
N MET A 276 -12.06 -8.95 15.36
CA MET A 276 -11.56 -10.32 15.64
C MET A 276 -12.58 -11.33 15.10
N LYS A 277 -13.88 -11.09 15.16
CA LYS A 277 -14.87 -12.01 14.60
C LYS A 277 -14.66 -12.18 13.09
N GLU A 278 -14.21 -11.12 12.40
N GLU A 278 -14.23 -11.11 12.40
CA GLU A 278 -14.00 -11.17 10.93
CA GLU A 278 -13.97 -11.09 10.93
C GLU A 278 -12.67 -11.80 10.57
C GLU A 278 -12.68 -11.81 10.57
N CYS A 279 -11.86 -12.14 11.57
CA CYS A 279 -10.65 -13.00 11.38
C CYS A 279 -10.94 -14.48 11.65
N TRP A 280 -12.11 -14.83 12.17
CA TRP A 280 -12.40 -16.18 12.74
C TRP A 280 -13.47 -16.92 11.99
N TYR A 281 -13.85 -16.45 10.84
CA TYR A 281 -14.86 -17.20 10.06
C TYR A 281 -14.33 -18.60 9.78
N GLN A 282 -15.22 -19.61 9.83
CA GLN A 282 -14.89 -21.00 9.42
CA GLN A 282 -14.86 -21.00 9.45
C GLN A 282 -14.40 -21.02 7.97
N ASN A 283 -15.08 -20.30 7.10
CA ASN A 283 -14.75 -20.23 5.69
C ASN A 283 -13.53 -19.31 5.55
N PRO A 284 -12.35 -19.85 5.21
CA PRO A 284 -11.15 -19.02 5.16
C PRO A 284 -11.28 -17.81 4.23
N SER A 285 -11.99 -17.96 3.10
CA SER A 285 -12.07 -16.87 2.11
C SER A 285 -12.98 -15.74 2.62
N ALA A 286 -13.74 -15.93 3.69
CA ALA A 286 -14.59 -14.86 4.27
C ALA A 286 -13.76 -13.94 5.19
N ARG A 287 -12.58 -14.39 5.62
CA ARG A 287 -11.79 -13.61 6.58
C ARG A 287 -11.26 -12.33 5.94
N LEU A 288 -11.10 -11.31 6.75
CA LEU A 288 -10.48 -10.03 6.32
C LEU A 288 -9.06 -10.29 5.87
N THR A 289 -8.57 -9.49 4.96
CA THR A 289 -7.15 -9.40 4.59
C THR A 289 -6.40 -8.49 5.56
N ALA A 290 -5.06 -8.68 5.63
CA ALA A 290 -4.23 -7.84 6.51
C ALA A 290 -4.39 -6.36 6.11
N LEU A 291 -4.43 -6.06 4.82
CA LEU A 291 -4.61 -4.64 4.41
C LEU A 291 -5.98 -4.12 4.86
N ARG A 292 -7.05 -4.91 4.80
CA ARG A 292 -8.37 -4.45 5.30
C ARG A 292 -8.36 -4.28 6.83
N ILE A 293 -7.66 -5.16 7.54
CA ILE A 293 -7.49 -5.00 9.01
C ILE A 293 -6.78 -3.67 9.30
N LYS A 294 -5.70 -3.36 8.58
CA LYS A 294 -5.01 -2.08 8.83
C LYS A 294 -5.99 -0.93 8.65
N LYS A 295 -6.69 -0.92 7.54
CA LYS A 295 -7.61 0.22 7.26
C LYS A 295 -8.63 0.32 8.41
N THR A 296 -9.21 -0.79 8.84
CA THR A 296 -10.22 -0.78 9.92
C THR A 296 -9.57 -0.20 11.18
N LEU A 297 -8.35 -0.59 11.52
CA LEU A 297 -7.71 -0.10 12.75
C LEU A 297 -7.41 1.39 12.65
N THR A 298 -7.10 1.92 11.47
CA THR A 298 -6.81 3.37 11.36
C THR A 298 -8.10 4.16 11.59
N LYS A 299 -9.29 3.57 11.46
CA LYS A 299 -10.56 4.32 11.64
C LYS A 299 -11.12 4.11 13.05
N ILE A 300 -10.45 3.34 13.92
CA ILE A 300 -10.90 3.10 15.32
C ILE A 300 -10.21 4.15 16.19
N ASP A 301 -11.03 4.91 16.88
CA ASP A 301 -10.72 6.07 17.76
C ASP A 301 -10.38 7.32 16.94
N ALA B 7 13.82 17.80 -43.73
CA ALA B 7 12.34 17.78 -43.42
C ALA B 7 11.87 16.34 -43.19
N ARG B 8 12.27 15.42 -44.08
CA ARG B 8 11.79 14.00 -44.12
C ARG B 8 12.30 13.25 -42.87
N ASP B 9 13.42 13.66 -42.31
CA ASP B 9 14.00 12.95 -41.14
C ASP B 9 13.44 13.59 -39.86
N ILE B 10 13.31 12.80 -38.79
CA ILE B 10 13.09 13.44 -37.47
C ILE B 10 14.42 14.04 -37.06
N THR B 11 14.43 15.33 -36.72
CA THR B 11 15.59 16.00 -36.12
C THR B 11 15.27 16.26 -34.64
N LEU B 12 16.07 15.70 -33.72
CA LEU B 12 15.91 15.94 -32.27
C LEU B 12 16.62 17.25 -31.94
N LEU B 13 15.91 18.25 -31.45
CA LEU B 13 16.53 19.61 -31.29
C LEU B 13 16.88 19.92 -29.85
N GLU B 14 16.03 19.59 -28.88
CA GLU B 14 16.36 19.89 -27.46
C GLU B 14 15.57 18.97 -26.53
N CYS B 15 16.25 18.51 -25.51
CA CYS B 15 15.63 17.74 -24.42
C CYS B 15 14.75 18.68 -23.60
N VAL B 16 13.44 18.41 -23.50
CA VAL B 16 12.51 19.26 -22.70
C VAL B 16 12.12 18.54 -21.41
N GLY B 17 12.64 17.34 -21.15
CA GLY B 17 12.22 16.53 -19.99
C GLY B 17 13.06 15.28 -19.85
N LYS B 18 13.52 14.95 -18.65
CA LYS B 18 14.37 13.76 -18.42
C LYS B 18 14.14 13.31 -16.98
N GLY B 19 13.89 12.01 -16.79
CA GLY B 19 13.58 11.37 -15.51
C GLY B 19 13.83 9.88 -15.58
N ARG B 20 13.32 9.10 -14.64
CA ARG B 20 13.47 7.62 -14.66
C ARG B 20 12.49 7.02 -15.70
N TYR B 21 11.42 7.73 -16.10
CA TYR B 21 10.50 7.23 -17.16
C TYR B 21 11.24 7.19 -18.51
N GLY B 22 12.21 8.10 -18.73
CA GLY B 22 12.82 8.30 -20.06
C GLY B 22 13.08 9.77 -20.30
N GLU B 23 13.00 10.20 -21.53
CA GLU B 23 13.29 11.61 -21.91
C GLU B 23 12.27 12.03 -22.96
N VAL B 24 11.97 13.32 -23.02
CA VAL B 24 11.17 13.89 -24.10
C VAL B 24 12.00 14.95 -24.80
N TRP B 25 11.96 14.93 -26.11
CA TRP B 25 12.66 15.87 -26.99
C TRP B 25 11.66 16.66 -27.77
N ARG B 26 11.98 17.93 -27.94
CA ARG B 26 11.39 18.72 -29.04
C ARG B 26 12.16 18.35 -30.31
N GLY B 27 11.42 17.96 -31.31
CA GLY B 27 11.98 17.56 -32.61
C GLY B 27 11.30 18.29 -33.73
N SER B 28 11.88 18.20 -34.92
CA SER B 28 11.25 18.73 -36.14
C SER B 28 11.07 17.57 -37.11
N TRP B 29 9.90 17.43 -37.69
CA TRP B 29 9.59 16.31 -38.60
C TRP B 29 8.57 16.80 -39.62
N GLN B 30 8.92 16.72 -40.90
CA GLN B 30 8.09 17.22 -42.03
C GLN B 30 7.71 18.68 -41.78
N GLY B 31 8.65 19.48 -41.28
CA GLY B 31 8.52 20.94 -41.11
C GLY B 31 7.66 21.35 -39.92
N GLU B 32 7.32 20.43 -39.01
CA GLU B 32 6.45 20.71 -37.83
C GLU B 32 7.24 20.35 -36.57
N ASN B 33 7.04 21.07 -35.46
CA ASN B 33 7.54 20.61 -34.13
C ASN B 33 6.78 19.33 -33.81
N VAL B 34 7.50 18.38 -33.25
CA VAL B 34 6.86 17.16 -32.66
C VAL B 34 7.55 16.93 -31.35
N ALA B 35 6.86 16.17 -30.46
CA ALA B 35 7.44 15.68 -29.21
C ALA B 35 7.82 14.21 -29.39
N VAL B 36 9.03 13.88 -28.98
CA VAL B 36 9.55 12.51 -29.13
C VAL B 36 9.93 12.04 -27.74
N LYS B 37 9.17 11.07 -27.23
CA LYS B 37 9.47 10.42 -25.93
C LYS B 37 10.25 9.14 -26.21
N ILE B 38 11.39 9.04 -25.55
CA ILE B 38 12.21 7.81 -25.59
C ILE B 38 12.10 7.18 -24.20
N PHE B 39 11.52 6.01 -24.12
CA PHE B 39 11.22 5.37 -22.81
C PHE B 39 12.48 4.75 -22.26
N SER B 40 12.59 4.71 -20.93
CA SER B 40 13.61 3.85 -20.30
C SER B 40 13.23 2.40 -20.48
N SER B 41 14.18 1.46 -20.57
CA SER B 41 13.82 0.02 -20.64
C SER B 41 13.08 -0.38 -19.36
N ARG B 42 13.31 0.33 -18.28
CA ARG B 42 12.61 0.08 -16.99
C ARG B 42 11.09 0.25 -17.17
N ASP B 43 10.66 0.98 -18.20
N ASP B 43 10.65 1.06 -18.14
CA ASP B 43 9.24 1.36 -18.33
CA ASP B 43 9.22 1.42 -18.33
C ASP B 43 8.66 0.87 -19.67
C ASP B 43 8.67 0.88 -19.67
N GLU B 44 9.17 -0.27 -20.13
CA GLU B 44 8.76 -0.82 -21.44
C GLU B 44 7.27 -1.15 -21.40
N LYS B 45 6.69 -1.51 -20.25
CA LYS B 45 5.28 -1.92 -20.21
C LYS B 45 4.38 -0.67 -20.39
N SER B 46 4.81 0.49 -19.96
CA SER B 46 4.06 1.73 -20.22
C SER B 46 4.05 2.03 -21.72
N TRP B 47 5.17 1.88 -22.39
CA TRP B 47 5.24 2.14 -23.84
C TRP B 47 4.19 1.28 -24.55
N PHE B 48 4.17 0.01 -24.23
CA PHE B 48 3.26 -0.91 -24.91
C PHE B 48 1.82 -0.51 -24.61
N ARG B 49 1.50 -0.21 -23.34
CA ARG B 49 0.11 0.13 -22.96
C ARG B 49 -0.34 1.40 -23.69
N GLU B 50 0.53 2.38 -23.75
CA GLU B 50 0.19 3.66 -24.41
C GLU B 50 -0.08 3.39 -25.88
N THR B 51 0.70 2.51 -26.48
CA THR B 51 0.51 2.12 -27.89
C THR B 51 -0.84 1.40 -28.09
N GLU B 52 -1.21 0.50 -27.18
CA GLU B 52 -2.55 -0.14 -27.21
C GLU B 52 -3.64 0.93 -27.17
N LEU B 53 -3.49 1.94 -26.29
CA LEU B 53 -4.53 2.98 -26.14
C LEU B 53 -4.62 3.81 -27.44
N TYR B 54 -3.50 4.22 -28.01
CA TYR B 54 -3.52 5.10 -29.20
C TYR B 54 -3.93 4.36 -30.48
N ASN B 55 -4.00 3.03 -30.47
CA ASN B 55 -4.57 2.27 -31.59
C ASN B 55 -6.00 2.72 -31.85
N THR B 56 -6.68 3.19 -30.82
CA THR B 56 -8.13 3.54 -30.91
C THR B 56 -8.33 4.87 -31.66
N VAL B 57 -8.85 4.84 -32.89
CA VAL B 57 -9.05 6.07 -33.70
C VAL B 57 -9.97 7.05 -32.95
N MET B 58 -11.03 6.58 -32.30
CA MET B 58 -11.99 7.49 -31.62
C MET B 58 -11.50 7.98 -30.24
N LEU B 59 -10.29 7.64 -29.85
CA LEU B 59 -9.66 8.31 -28.68
C LEU B 59 -9.37 9.77 -29.01
N ARG B 60 -9.12 10.13 -30.27
CA ARG B 60 -8.68 11.47 -30.68
C ARG B 60 -9.72 12.50 -30.19
N HIS B 61 -9.22 13.58 -29.60
CA HIS B 61 -10.04 14.61 -28.91
C HIS B 61 -9.18 15.83 -28.65
N GLU B 62 -9.82 17.00 -28.71
CA GLU B 62 -9.10 18.27 -28.50
C GLU B 62 -8.40 18.31 -27.15
N ASN B 63 -8.90 17.59 -26.15
CA ASN B 63 -8.31 17.63 -24.79
C ASN B 63 -7.57 16.31 -24.47
N ILE B 64 -7.11 15.57 -25.46
CA ILE B 64 -6.23 14.40 -25.28
C ILE B 64 -5.02 14.63 -26.18
N LEU B 65 -3.81 14.45 -25.66
CA LEU B 65 -2.58 14.62 -26.46
C LEU B 65 -2.65 13.78 -27.72
N GLY B 66 -2.46 14.45 -28.88
CA GLY B 66 -2.55 13.83 -30.19
C GLY B 66 -1.30 13.03 -30.55
N PHE B 67 -1.56 11.79 -30.88
CA PHE B 67 -0.61 10.79 -31.30
C PHE B 67 -0.16 10.92 -32.78
N ILE B 68 1.11 10.75 -33.09
CA ILE B 68 1.60 10.66 -34.49
C ILE B 68 2.08 9.24 -34.79
N ALA B 69 3.01 8.72 -33.99
CA ALA B 69 3.54 7.36 -34.26
C ALA B 69 4.08 6.77 -32.96
N SER B 70 4.17 5.45 -32.92
CA SER B 70 4.81 4.69 -31.84
C SER B 70 5.73 3.66 -32.51
N ASP B 71 6.93 3.51 -31.97
CA ASP B 71 7.93 2.61 -32.59
C ASP B 71 8.64 1.83 -31.48
N MET B 72 8.92 0.57 -31.80
CA MET B 72 9.93 -0.22 -31.12
C MET B 72 11.00 -0.57 -32.17
N THR B 73 12.26 -0.24 -31.91
CA THR B 73 13.35 -0.49 -32.88
C THR B 73 14.40 -1.30 -32.16
N SER B 74 15.12 -2.17 -32.87
CA SER B 74 16.20 -2.92 -32.24
C SER B 74 17.21 -3.43 -33.24
N ARG B 75 18.45 -3.42 -32.79
CA ARG B 75 19.54 -4.19 -33.42
C ARG B 75 20.32 -4.87 -32.32
N HIS B 76 20.69 -6.13 -32.54
CA HIS B 76 21.39 -6.93 -31.53
C HIS B 76 20.58 -6.91 -30.23
N SER B 77 21.16 -6.59 -29.09
CA SER B 77 20.42 -6.70 -27.82
C SER B 77 19.90 -5.33 -27.39
N SER B 78 19.97 -4.30 -28.22
CA SER B 78 19.60 -2.91 -27.87
C SER B 78 18.18 -2.68 -28.40
N THR B 79 17.23 -2.21 -27.59
CA THR B 79 15.88 -1.83 -28.03
C THR B 79 15.64 -0.39 -27.67
N GLN B 80 15.05 0.35 -28.58
CA GLN B 80 14.54 1.69 -28.30
C GLN B 80 13.03 1.69 -28.43
N LEU B 81 12.41 2.47 -27.58
CA LEU B 81 10.94 2.61 -27.53
C LEU B 81 10.58 4.08 -27.65
N TRP B 82 9.87 4.42 -28.68
CA TRP B 82 9.57 5.81 -29.09
C TRP B 82 8.08 6.05 -29.08
N LEU B 83 7.65 7.21 -28.61
CA LEU B 83 6.27 7.73 -28.82
C LEU B 83 6.44 9.14 -29.39
N ILE B 84 5.79 9.38 -30.52
CA ILE B 84 5.86 10.72 -31.17
C ILE B 84 4.49 11.33 -31.18
N THR B 85 4.36 12.56 -30.65
CA THR B 85 3.07 13.24 -30.49
C THR B 85 3.18 14.65 -31.03
N HIS B 86 2.06 15.33 -31.00
CA HIS B 86 2.04 16.80 -31.13
C HIS B 86 2.87 17.42 -30.01
N TYR B 87 3.43 18.58 -30.28
CA TYR B 87 4.32 19.34 -29.37
C TYR B 87 3.55 20.55 -28.87
N HIS B 88 3.58 20.80 -27.58
CA HIS B 88 2.92 21.99 -26.98
C HIS B 88 3.99 22.85 -26.32
N GLU B 89 4.37 23.94 -27.03
CA GLU B 89 5.50 24.83 -26.64
C GLU B 89 5.32 25.40 -25.23
N MET B 90 4.08 25.60 -24.79
CA MET B 90 3.82 26.20 -23.47
C MET B 90 4.06 25.20 -22.36
N GLY B 91 4.30 23.93 -22.70
CA GLY B 91 4.69 22.96 -21.67
C GLY B 91 3.50 22.42 -20.86
N SER B 92 3.78 21.87 -19.69
CA SER B 92 2.72 21.25 -18.87
C SER B 92 2.04 22.32 -18.03
N LEU B 93 0.87 21.98 -17.54
CA LEU B 93 0.12 22.82 -16.57
C LEU B 93 0.98 23.08 -15.35
N TYR B 94 1.71 22.10 -14.88
CA TYR B 94 2.62 22.26 -13.74
C TYR B 94 3.60 23.38 -14.03
N ASP B 95 4.22 23.36 -15.21
CA ASP B 95 5.20 24.43 -15.59
C ASP B 95 4.48 25.78 -15.66
N TYR B 96 3.32 25.84 -16.31
CA TYR B 96 2.56 27.07 -16.59
C TYR B 96 2.17 27.74 -15.28
N LEU B 97 1.63 27.01 -14.33
CA LEU B 97 1.15 27.58 -13.06
C LEU B 97 2.28 28.14 -12.22
N GLN B 98 3.53 27.79 -12.46
CA GLN B 98 4.63 28.22 -11.55
C GLN B 98 4.81 29.72 -11.67
N LEU B 99 4.58 30.23 -12.88
CA LEU B 99 5.06 31.54 -13.40
C LEU B 99 3.91 32.39 -13.98
N THR B 100 2.65 31.97 -13.84
CA THR B 100 1.51 32.75 -14.33
C THR B 100 0.39 32.67 -13.31
N THR B 101 -0.32 33.76 -13.13
CA THR B 101 -1.61 33.77 -12.42
C THR B 101 -2.74 33.78 -13.44
N LEU B 102 -3.93 33.44 -12.99
CA LEU B 102 -5.12 33.31 -13.82
C LEU B 102 -6.22 34.29 -13.44
N ASP B 103 -6.99 34.73 -14.41
CA ASP B 103 -8.29 35.34 -14.11
C ASP B 103 -9.38 34.28 -14.15
N THR B 104 -10.59 34.69 -13.88
CA THR B 104 -11.74 33.79 -13.77
C THR B 104 -11.91 33.03 -15.08
N VAL B 105 -11.90 33.71 -16.21
CA VAL B 105 -12.18 33.10 -17.52
C VAL B 105 -11.10 32.08 -17.82
N SER B 106 -9.86 32.39 -17.57
N SER B 106 -9.84 32.38 -17.57
CA SER B 106 -8.75 31.46 -17.90
CA SER B 106 -8.70 31.48 -17.92
C SER B 106 -8.83 30.26 -16.95
C SER B 106 -8.60 30.32 -16.92
N CYS B 107 -9.03 30.51 -15.67
CA CYS B 107 -9.11 29.39 -14.71
C CYS B 107 -10.20 28.42 -15.15
N LEU B 108 -11.39 28.91 -15.41
CA LEU B 108 -12.53 28.02 -15.80
C LEU B 108 -12.24 27.35 -17.15
N ARG B 109 -11.66 28.03 -18.10
CA ARG B 109 -11.33 27.41 -19.40
C ARG B 109 -10.37 26.24 -19.20
N ILE B 110 -9.38 26.41 -18.35
CA ILE B 110 -8.39 25.33 -18.09
C ILE B 110 -9.14 24.16 -17.47
N VAL B 111 -9.86 24.38 -16.39
CA VAL B 111 -10.37 23.22 -15.65
C VAL B 111 -11.53 22.55 -16.41
N LEU B 112 -12.34 23.31 -17.13
CA LEU B 112 -13.37 22.71 -17.98
C LEU B 112 -12.70 21.89 -19.07
N SER B 113 -11.58 22.33 -19.63
CA SER B 113 -10.95 21.55 -20.73
C SER B 113 -10.46 20.19 -20.18
N ILE B 114 -9.95 20.21 -18.94
CA ILE B 114 -9.44 18.95 -18.33
C ILE B 114 -10.64 18.05 -18.06
N ALA B 115 -11.72 18.60 -17.52
CA ALA B 115 -12.93 17.81 -17.29
C ALA B 115 -13.47 17.19 -18.58
N SER B 116 -13.41 17.95 -19.67
N SER B 116 -13.40 17.98 -19.65
CA SER B 116 -13.95 17.47 -20.96
CA SER B 116 -13.90 17.57 -20.96
C SER B 116 -13.06 16.32 -21.46
C SER B 116 -13.06 16.37 -21.45
N GLY B 117 -11.74 16.44 -21.31
CA GLY B 117 -10.86 15.32 -21.66
C GLY B 117 -11.11 14.12 -20.80
N LEU B 118 -11.29 14.34 -19.50
CA LEU B 118 -11.49 13.19 -18.62
C LEU B 118 -12.82 12.52 -18.88
N ALA B 119 -13.88 13.29 -19.07
CA ALA B 119 -15.19 12.68 -19.38
C ALA B 119 -15.07 11.92 -20.72
N HIS B 120 -14.37 12.45 -21.69
CA HIS B 120 -14.15 11.75 -22.96
C HIS B 120 -13.45 10.43 -22.70
N LEU B 121 -12.42 10.39 -21.87
CA LEU B 121 -11.78 9.11 -21.55
C LEU B 121 -12.78 8.18 -20.87
N HIS B 122 -13.47 8.64 -19.83
CA HIS B 122 -14.29 7.74 -18.99
C HIS B 122 -15.49 7.17 -19.74
N ILE B 123 -16.05 7.89 -20.72
CA ILE B 123 -17.34 7.46 -21.35
C ILE B 123 -17.03 6.62 -22.58
N GLU B 124 -17.62 5.42 -22.63
CA GLU B 124 -17.52 4.51 -23.79
C GLU B 124 -18.27 5.11 -24.99
N ILE B 125 -17.69 4.97 -26.17
CA ILE B 125 -18.31 5.28 -27.49
C ILE B 125 -18.53 3.94 -28.23
N PHE B 126 -19.74 3.69 -28.72
CA PHE B 126 -20.15 2.43 -29.41
C PHE B 126 -20.07 2.58 -30.94
N GLY B 130 -15.24 2.67 -32.51
CA GLY B 130 -15.65 3.01 -31.12
C GLY B 130 -14.45 3.23 -30.21
N LYS B 131 -14.70 3.49 -28.93
CA LYS B 131 -13.62 3.73 -27.94
C LYS B 131 -14.14 3.13 -26.65
N PRO B 132 -13.36 2.25 -26.02
CA PRO B 132 -13.76 1.72 -24.73
C PRO B 132 -13.82 2.86 -23.70
N ALA B 133 -14.49 2.63 -22.61
CA ALA B 133 -14.31 3.47 -21.39
C ALA B 133 -12.84 3.30 -20.96
N ILE B 134 -12.21 4.41 -20.56
CA ILE B 134 -10.77 4.44 -20.19
C ILE B 134 -10.64 5.18 -18.86
N ALA B 135 -9.90 4.60 -17.91
CA ALA B 135 -9.43 5.31 -16.72
C ALA B 135 -7.94 5.52 -16.88
N HIS B 136 -7.50 6.71 -16.52
CA HIS B 136 -6.12 7.19 -16.76
C HIS B 136 -5.10 6.61 -15.77
N ARG B 137 -5.40 6.77 -14.48
CA ARG B 137 -4.67 6.26 -13.29
C ARG B 137 -3.42 7.02 -12.97
N ASP B 138 -3.04 8.05 -13.70
CA ASP B 138 -1.90 8.91 -13.27
C ASP B 138 -2.16 10.35 -13.67
N LEU B 139 -3.33 10.85 -13.37
CA LEU B 139 -3.65 12.26 -13.68
C LEU B 139 -2.91 13.14 -12.70
N LYS B 140 -2.27 14.18 -13.21
CA LYS B 140 -1.48 15.14 -12.39
C LYS B 140 -1.14 16.31 -13.28
N SER B 141 -0.70 17.43 -12.70
CA SER B 141 -0.48 18.65 -13.52
C SER B 141 0.71 18.50 -14.48
N LYS B 142 1.65 17.60 -14.24
CA LYS B 142 2.74 17.36 -15.24
C LYS B 142 2.19 16.57 -16.43
N ASN B 143 1.09 15.87 -16.27
CA ASN B 143 0.52 15.05 -17.36
C ASN B 143 -0.61 15.79 -18.07
N ILE B 144 -0.66 17.09 -17.95
CA ILE B 144 -1.61 17.98 -18.65
C ILE B 144 -0.80 19.03 -19.38
N LEU B 145 -1.02 19.17 -20.67
CA LEU B 145 -0.28 20.15 -21.47
C LEU B 145 -1.19 21.33 -21.77
N VAL B 146 -0.54 22.50 -21.80
CA VAL B 146 -1.27 23.78 -22.08
C VAL B 146 -1.12 24.10 -23.56
N LYS B 147 -2.24 24.45 -24.18
CA LYS B 147 -2.31 24.74 -25.63
C LYS B 147 -2.50 26.26 -25.80
N LYS B 148 -2.16 26.72 -26.99
CA LYS B 148 -2.15 28.20 -27.21
C LYS B 148 -3.57 28.75 -27.23
N ASN B 149 -4.60 27.92 -27.40
CA ASN B 149 -6.02 28.34 -27.26
C ASN B 149 -6.53 28.41 -25.79
N GLY B 150 -5.71 28.16 -24.78
CA GLY B 150 -6.07 28.34 -23.35
C GLY B 150 -6.72 27.11 -22.76
N GLN B 151 -6.96 26.16 -23.61
CA GLN B 151 -7.34 24.80 -23.16
C GLN B 151 -6.11 23.91 -22.99
N CYS B 152 -6.37 22.81 -22.33
CA CYS B 152 -5.35 21.83 -22.00
C CYS B 152 -5.67 20.49 -22.65
N CYS B 153 -4.66 19.63 -22.69
CA CYS B 153 -4.86 18.23 -23.10
C CYS B 153 -4.17 17.28 -22.15
N ILE B 154 -4.81 16.15 -21.93
CA ILE B 154 -4.31 15.10 -21.01
C ILE B 154 -3.34 14.17 -21.74
N ALA B 155 -2.25 13.86 -21.11
CA ALA B 155 -1.17 13.04 -21.67
C ALA B 155 -0.84 11.88 -20.75
N ASP B 156 -0.16 10.90 -21.32
CA ASP B 156 0.48 9.76 -20.65
C ASP B 156 -0.59 8.71 -20.33
N LEU B 157 -0.82 7.79 -21.27
CA LEU B 157 -1.82 6.71 -21.11
C LEU B 157 -1.15 5.38 -20.79
N GLY B 158 0.06 5.42 -20.24
CA GLY B 158 0.84 4.19 -19.94
C GLY B 158 0.26 3.36 -18.84
N LEU B 159 -0.57 3.90 -17.99
CA LEU B 159 -1.16 3.18 -16.84
C LEU B 159 -2.65 2.97 -17.08
N ALA B 160 -3.17 3.32 -18.26
CA ALA B 160 -4.64 3.35 -18.46
C ALA B 160 -5.23 1.93 -18.36
N VAL B 161 -6.48 1.89 -17.95
CA VAL B 161 -7.34 0.67 -17.87
C VAL B 161 -8.51 0.88 -18.82
N MET B 162 -8.91 -0.16 -19.54
CA MET B 162 -10.00 -0.06 -20.53
C MET B 162 -11.14 -0.99 -20.13
N HIS B 163 -12.36 -0.59 -20.42
CA HIS B 163 -13.55 -1.43 -20.13
C HIS B 163 -14.57 -1.25 -21.24
N SER B 164 -15.18 -2.37 -21.61
CA SER B 164 -16.23 -2.41 -22.67
C SER B 164 -17.51 -2.96 -22.02
N GLN B 165 -18.53 -2.13 -21.97
CA GLN B 165 -19.83 -2.44 -21.33
C GLN B 165 -20.55 -3.50 -22.17
N SER B 166 -20.43 -3.40 -23.48
CA SER B 166 -21.16 -4.26 -24.46
C SER B 166 -20.77 -5.72 -24.24
N THR B 167 -19.49 -5.94 -23.95
CA THR B 167 -18.87 -7.28 -23.91
C THR B 167 -18.49 -7.65 -22.48
N ASN B 168 -18.72 -6.76 -21.51
CA ASN B 168 -18.37 -7.03 -20.09
C ASN B 168 -16.89 -7.43 -20.02
N GLN B 169 -16.02 -6.64 -20.65
CA GLN B 169 -14.57 -6.95 -20.60
C GLN B 169 -13.84 -5.79 -19.90
N LEU B 170 -12.95 -6.17 -18.99
CA LEU B 170 -12.05 -5.24 -18.27
C LEU B 170 -10.63 -5.60 -18.62
N ASP B 171 -9.87 -4.62 -19.11
CA ASP B 171 -8.45 -4.83 -19.47
C ASP B 171 -7.58 -3.95 -18.57
N VAL B 172 -6.98 -4.50 -17.52
CA VAL B 172 -6.17 -3.73 -16.54
C VAL B 172 -4.72 -3.70 -17.01
N GLY B 173 -4.44 -4.38 -18.10
CA GLY B 173 -3.10 -4.45 -18.68
C GLY B 173 -2.13 -5.15 -17.75
N ASN B 174 -0.86 -5.04 -18.12
CA ASN B 174 0.29 -5.69 -17.45
C ASN B 174 1.31 -4.59 -17.18
N ASN B 175 1.21 -3.87 -16.07
CA ASN B 175 2.23 -2.82 -15.78
C ASN B 175 2.41 -2.72 -14.28
N PRO B 176 3.64 -2.92 -13.77
CA PRO B 176 3.94 -2.83 -12.34
C PRO B 176 4.00 -1.38 -11.86
N ARG B 177 4.09 -0.48 -12.83
CA ARG B 177 4.12 0.97 -12.53
C ARG B 177 2.90 1.30 -11.69
N VAL B 178 3.10 2.21 -10.71
CA VAL B 178 1.97 2.79 -9.96
C VAL B 178 1.95 4.29 -10.18
N GLY B 179 0.81 4.84 -9.79
CA GLY B 179 0.59 6.28 -9.92
C GLY B 179 1.55 7.15 -9.15
N THR B 180 1.57 8.41 -9.50
CA THR B 180 2.40 9.40 -8.79
C THR B 180 1.96 9.47 -7.36
N LYS B 181 2.90 9.38 -6.39
CA LYS B 181 2.47 9.13 -4.98
C LYS B 181 1.64 10.29 -4.42
N ARG B 182 1.97 11.51 -4.75
CA ARG B 182 1.30 12.69 -4.19
C ARG B 182 -0.16 12.75 -4.58
N TYR B 183 -0.54 12.14 -5.71
CA TYR B 183 -1.92 12.19 -6.22
C TYR B 183 -2.72 10.93 -5.96
N MET B 184 -2.13 9.94 -5.26
CA MET B 184 -2.81 8.64 -5.04
C MET B 184 -3.99 8.79 -4.08
N ALA B 185 -5.17 8.29 -4.48
CA ALA B 185 -6.39 8.24 -3.68
C ALA B 185 -6.17 7.38 -2.43
N PRO B 186 -6.99 7.58 -1.41
CA PRO B 186 -6.82 6.80 -0.17
C PRO B 186 -6.81 5.27 -0.41
N GLU B 187 -7.70 4.78 -1.27
CA GLU B 187 -7.83 3.33 -1.57
C GLU B 187 -6.64 2.82 -2.33
N VAL B 188 -5.88 3.68 -3.02
CA VAL B 188 -4.64 3.27 -3.68
C VAL B 188 -3.55 3.21 -2.60
N LEU B 189 -3.45 4.20 -1.73
CA LEU B 189 -2.40 4.27 -0.70
C LEU B 189 -2.60 3.18 0.34
N ASP B 190 -3.82 2.80 0.64
CA ASP B 190 -4.02 1.74 1.65
C ASP B 190 -4.23 0.41 0.95
N GLU B 191 -4.19 0.38 -0.39
CA GLU B 191 -4.17 -0.86 -1.22
C GLU B 191 -5.46 -1.66 -0.99
N THR B 192 -6.55 -1.03 -0.64
CA THR B 192 -7.87 -1.70 -0.55
C THR B 192 -8.67 -1.56 -1.83
N ILE B 193 -8.23 -0.74 -2.78
CA ILE B 193 -8.93 -0.60 -4.08
C ILE B 193 -9.36 -1.97 -4.60
N GLN B 194 -10.57 -1.97 -5.16
CA GLN B 194 -11.18 -3.18 -5.76
C GLN B 194 -10.63 -3.33 -7.18
N VAL B 195 -9.61 -4.15 -7.39
CA VAL B 195 -8.82 -4.12 -8.66
C VAL B 195 -9.60 -4.71 -9.86
N ASP B 196 -10.70 -5.41 -9.59
CA ASP B 196 -11.51 -6.13 -10.61
C ASP B 196 -12.72 -5.28 -10.98
N CYS B 197 -12.77 -4.02 -10.55
CA CYS B 197 -13.94 -3.14 -10.71
C CYS B 197 -13.55 -1.89 -11.52
N PHE B 198 -14.01 -1.76 -12.75
CA PHE B 198 -13.63 -0.59 -13.57
C PHE B 198 -13.98 0.72 -12.87
N ASP B 199 -15.14 0.83 -12.24
CA ASP B 199 -15.54 2.08 -11.59
C ASP B 199 -14.47 2.50 -10.56
N SER B 200 -13.82 1.55 -9.90
CA SER B 200 -12.76 1.89 -8.93
C SER B 200 -11.74 2.80 -9.60
N TYR B 201 -11.31 2.49 -10.81
CA TYR B 201 -10.23 3.26 -11.47
C TYR B 201 -10.75 4.65 -11.86
N LYS B 202 -12.00 4.77 -12.30
CA LYS B 202 -12.55 6.10 -12.64
C LYS B 202 -12.51 6.95 -11.37
N ARG B 203 -12.83 6.36 -10.22
CA ARG B 203 -12.93 7.09 -8.96
C ARG B 203 -11.53 7.55 -8.51
N VAL B 204 -10.48 6.83 -8.83
CA VAL B 204 -9.10 7.26 -8.58
C VAL B 204 -8.83 8.52 -9.39
N ASP B 205 -9.25 8.55 -10.66
CA ASP B 205 -9.05 9.72 -11.51
C ASP B 205 -9.78 10.92 -10.94
N ILE B 206 -10.97 10.71 -10.39
CA ILE B 206 -11.74 11.84 -9.82
C ILE B 206 -11.00 12.48 -8.63
N TRP B 207 -10.47 11.65 -7.75
CA TRP B 207 -9.64 12.12 -6.61
C TRP B 207 -8.55 13.02 -7.16
N ALA B 208 -7.77 12.51 -8.13
CA ALA B 208 -6.60 13.23 -8.66
C ALA B 208 -7.09 14.52 -9.34
N PHE B 209 -8.20 14.46 -10.06
CA PHE B 209 -8.69 15.68 -10.72
CA PHE B 209 -8.78 15.66 -10.72
C PHE B 209 -9.04 16.72 -9.66
N GLY B 210 -9.61 16.33 -8.52
CA GLY B 210 -9.84 17.33 -7.45
C GLY B 210 -8.58 18.00 -7.02
N LEU B 211 -7.50 17.24 -6.88
CA LEU B 211 -6.18 17.82 -6.55
C LEU B 211 -5.71 18.81 -7.62
N VAL B 212 -5.86 18.46 -8.89
CA VAL B 212 -5.45 19.37 -9.98
C VAL B 212 -6.34 20.63 -9.92
N LEU B 213 -7.61 20.49 -9.65
CA LEU B 213 -8.53 21.66 -9.56
C LEU B 213 -7.98 22.58 -8.46
N TRP B 214 -7.61 22.04 -7.30
CA TRP B 214 -7.05 22.83 -6.19
C TRP B 214 -5.76 23.53 -6.66
N GLU B 215 -4.84 22.84 -7.37
CA GLU B 215 -3.57 23.45 -7.80
C GLU B 215 -3.86 24.68 -8.67
N VAL B 216 -4.83 24.51 -9.57
CA VAL B 216 -5.19 25.61 -10.54
C VAL B 216 -5.85 26.77 -9.79
N ALA B 217 -6.84 26.46 -8.98
CA ALA B 217 -7.65 27.50 -8.31
C ALA B 217 -6.77 28.38 -7.45
N ARG B 218 -5.76 27.84 -6.80
CA ARG B 218 -4.81 28.64 -6.01
C ARG B 218 -4.22 29.78 -6.83
N ARG B 219 -4.03 29.58 -8.13
CA ARG B 219 -3.38 30.58 -9.00
C ARG B 219 -4.39 31.54 -9.61
N MET B 220 -5.66 31.44 -9.32
CA MET B 220 -6.69 32.39 -9.80
C MET B 220 -6.75 33.57 -8.84
N VAL B 221 -6.55 34.78 -9.37
CA VAL B 221 -6.58 36.00 -8.52
C VAL B 221 -8.02 36.32 -8.13
N SER B 222 -8.20 36.68 -6.86
CA SER B 222 -9.45 37.31 -6.43
C SER B 222 -9.13 38.40 -5.44
N ASN B 223 -9.81 39.54 -5.61
CA ASN B 223 -9.66 40.67 -4.66
C ASN B 223 -8.16 41.00 -4.42
N GLY B 224 -7.34 40.91 -5.47
CA GLY B 224 -5.93 41.30 -5.37
C GLY B 224 -5.07 40.24 -4.67
N ILE B 225 -5.59 39.04 -4.41
CA ILE B 225 -4.86 38.01 -3.62
C ILE B 225 -4.75 36.77 -4.52
N VAL B 226 -3.60 36.11 -4.42
CA VAL B 226 -3.40 34.81 -5.09
C VAL B 226 -2.46 34.00 -4.23
N GLU B 227 -2.58 32.69 -4.27
CA GLU B 227 -1.58 31.84 -3.58
C GLU B 227 -0.40 31.52 -4.51
N ASP B 228 0.76 31.25 -3.93
CA ASP B 228 1.91 30.74 -4.70
C ASP B 228 1.58 29.32 -5.16
N TYR B 229 2.16 28.92 -6.29
CA TYR B 229 2.05 27.53 -6.73
C TYR B 229 2.61 26.62 -5.64
N LYS B 230 1.82 25.59 -5.32
CA LYS B 230 2.29 24.47 -4.47
C LYS B 230 1.66 23.19 -4.99
N PRO B 231 2.39 22.07 -4.91
CA PRO B 231 1.80 20.78 -5.24
C PRO B 231 0.91 20.30 -4.11
N PRO B 232 0.01 19.34 -4.38
CA PRO B 232 -0.84 18.79 -3.34
C PRO B 232 -0.01 18.22 -2.17
N PHE B 233 -0.43 18.57 -0.98
CA PHE B 233 0.12 18.09 0.31
C PHE B 233 1.52 18.63 0.54
N TYR B 234 1.91 19.74 -0.09
CA TYR B 234 3.27 20.34 0.04
C TYR B 234 3.60 20.57 1.53
N ASP B 235 2.63 20.92 2.36
CA ASP B 235 2.85 21.42 3.74
C ASP B 235 3.00 20.28 4.73
N VAL B 236 2.58 19.07 4.40
CA VAL B 236 2.35 18.00 5.41
C VAL B 236 3.22 16.77 5.18
N VAL B 237 3.94 16.69 4.08
CA VAL B 237 4.82 15.53 3.79
C VAL B 237 6.22 16.03 3.51
N PRO B 238 7.24 15.16 3.67
CA PRO B 238 8.58 15.48 3.27
C PRO B 238 8.68 15.79 1.78
N ASN B 239 9.75 16.49 1.40
CA ASN B 239 10.09 16.57 -0.04
C ASN B 239 10.29 15.13 -0.59
N ASP B 240 9.93 14.93 -1.81
CA ASP B 240 10.07 13.63 -2.46
C ASP B 240 9.38 12.58 -1.59
N PRO B 241 8.08 12.74 -1.30
CA PRO B 241 7.38 11.85 -0.37
C PRO B 241 7.32 10.40 -0.84
N SER B 242 7.48 9.52 0.12
CA SER B 242 7.30 8.06 -0.09
C SER B 242 5.80 7.69 -0.11
N PHE B 243 5.55 6.50 -0.59
CA PHE B 243 4.21 5.87 -0.51
C PHE B 243 3.72 5.96 0.93
N GLU B 244 4.53 5.57 1.93
CA GLU B 244 4.08 5.58 3.32
C GLU B 244 3.87 7.01 3.84
N ASP B 245 4.66 7.98 3.37
CA ASP B 245 4.45 9.40 3.78
C ASP B 245 3.04 9.82 3.38
N MET B 246 2.70 9.47 2.12
CA MET B 246 1.38 9.87 1.62
C MET B 246 0.26 9.11 2.31
N ARG B 247 0.44 7.81 2.52
CA ARG B 247 -0.55 7.05 3.27
C ARG B 247 -0.79 7.66 4.66
N LYS B 248 0.29 8.09 5.33
CA LYS B 248 0.12 8.72 6.65
C LYS B 248 -0.86 9.90 6.58
N VAL B 249 -0.62 10.84 5.66
CA VAL B 249 -1.43 12.08 5.70
C VAL B 249 -2.83 11.82 5.17
N VAL B 250 -2.94 11.05 4.07
CA VAL B 250 -4.26 10.85 3.43
C VAL B 250 -5.14 9.86 4.16
N CYS B 251 -4.55 8.73 4.57
CA CYS B 251 -5.32 7.62 5.16
C CYS B 251 -5.35 7.72 6.71
N VAL B 252 -4.21 7.90 7.34
CA VAL B 252 -4.15 7.90 8.84
C VAL B 252 -4.70 9.24 9.33
N ASP B 253 -4.20 10.37 8.81
CA ASP B 253 -4.50 11.74 9.31
C ASP B 253 -5.80 12.26 8.65
N GLN B 254 -6.31 11.62 7.60
CA GLN B 254 -7.54 12.02 6.86
C GLN B 254 -7.38 13.43 6.32
N GLN B 255 -6.20 13.83 5.90
CA GLN B 255 -5.93 15.22 5.43
C GLN B 255 -6.47 15.37 4.01
N ARG B 256 -6.92 16.58 3.73
CA ARG B 256 -7.25 17.05 2.38
C ARG B 256 -6.56 18.38 2.21
N PRO B 257 -6.33 18.84 0.98
CA PRO B 257 -5.78 20.18 0.80
C PRO B 257 -6.66 21.26 1.43
N ASN B 258 -5.97 22.19 2.08
CA ASN B 258 -6.71 23.29 2.75
C ASN B 258 -7.28 24.29 1.73
N ILE B 259 -8.44 24.79 2.01
CA ILE B 259 -9.08 25.86 1.21
C ILE B 259 -8.72 27.20 1.79
N PRO B 260 -7.97 28.04 1.06
CA PRO B 260 -7.67 29.39 1.55
C PRO B 260 -8.98 30.15 1.84
N ASN B 261 -9.06 30.81 3.00
CA ASN B 261 -10.32 31.49 3.33
C ASN B 261 -10.62 32.63 2.36
N ARG B 262 -9.62 33.19 1.70
CA ARG B 262 -9.92 34.28 0.70
C ARG B 262 -10.84 33.75 -0.41
N TRP B 263 -10.90 32.44 -0.67
CA TRP B 263 -11.76 31.91 -1.74
C TRP B 263 -13.23 32.21 -1.44
N PHE B 264 -13.60 32.27 -0.17
CA PHE B 264 -15.04 32.36 0.20
C PHE B 264 -15.60 33.73 -0.16
N SER B 265 -14.74 34.72 -0.44
CA SER B 265 -15.22 36.03 -0.92
C SER B 265 -15.58 36.00 -2.40
N ASP B 266 -15.13 35.01 -3.18
CA ASP B 266 -15.26 34.98 -4.66
C ASP B 266 -16.23 33.88 -5.07
N PRO B 267 -17.28 34.14 -5.84
CA PRO B 267 -18.26 33.10 -6.12
C PRO B 267 -17.66 31.93 -6.90
N THR B 268 -16.76 32.21 -7.81
CA THR B 268 -16.17 31.18 -8.68
C THR B 268 -15.35 30.24 -7.78
N LEU B 269 -14.48 30.80 -6.97
CA LEU B 269 -13.61 29.95 -6.12
C LEU B 269 -14.45 29.25 -5.07
N THR B 270 -15.52 29.86 -4.57
CA THR B 270 -16.42 29.15 -3.62
C THR B 270 -17.04 27.95 -4.33
N SER B 271 -17.48 28.08 -5.57
CA SER B 271 -18.07 26.95 -6.34
C SER B 271 -16.97 25.90 -6.58
N LEU B 272 -15.75 26.30 -6.93
CA LEU B 272 -14.67 25.32 -7.19
C LEU B 272 -14.30 24.58 -5.91
N ALA B 273 -14.24 25.24 -4.76
CA ALA B 273 -13.95 24.57 -3.47
C ALA B 273 -15.02 23.51 -3.24
N LYS B 274 -16.28 23.80 -3.49
CA LYS B 274 -17.36 22.81 -3.28
C LYS B 274 -17.11 21.63 -4.21
N LEU B 275 -16.78 21.89 -5.46
CA LEU B 275 -16.57 20.81 -6.44
C LEU B 275 -15.37 19.96 -6.03
N MET B 276 -14.25 20.55 -5.63
CA MET B 276 -13.07 19.72 -5.32
C MET B 276 -13.37 18.89 -4.06
N LYS B 277 -14.15 19.37 -3.10
CA LYS B 277 -14.49 18.53 -1.94
C LYS B 277 -15.34 17.35 -2.35
N GLU B 278 -16.13 17.44 -3.42
CA GLU B 278 -16.97 16.30 -3.87
C GLU B 278 -16.14 15.27 -4.65
N CYS B 279 -14.86 15.56 -4.88
CA CYS B 279 -13.86 14.63 -5.44
C CYS B 279 -13.09 13.89 -4.35
N TRP B 280 -13.17 14.30 -3.10
CA TRP B 280 -12.25 13.91 -2.01
C TRP B 280 -12.92 13.05 -0.93
N TYR B 281 -14.13 12.56 -1.11
CA TYR B 281 -14.66 11.57 -0.14
C TYR B 281 -13.70 10.38 0.00
N GLN B 282 -13.46 9.82 1.22
CA GLN B 282 -12.73 8.52 1.38
C GLN B 282 -13.57 7.44 0.70
N ASN B 283 -14.89 7.50 0.82
CA ASN B 283 -15.79 6.52 0.13
C ASN B 283 -15.77 6.81 -1.37
N PRO B 284 -15.08 5.97 -2.17
CA PRO B 284 -14.92 6.29 -3.59
C PRO B 284 -16.25 6.47 -4.32
N SER B 285 -17.27 5.69 -3.93
CA SER B 285 -18.58 5.73 -4.62
C SER B 285 -19.35 7.03 -4.33
N ALA B 286 -18.95 7.83 -3.33
CA ALA B 286 -19.56 9.15 -3.02
C ALA B 286 -19.06 10.25 -3.98
N ARG B 287 -17.91 10.00 -4.63
CA ARG B 287 -17.29 11.04 -5.47
C ARG B 287 -18.18 11.33 -6.69
N LEU B 288 -18.12 12.55 -7.17
CA LEU B 288 -18.81 12.93 -8.44
C LEU B 288 -18.23 12.18 -9.62
N THR B 289 -19.00 12.02 -10.68
CA THR B 289 -18.52 11.51 -11.97
C THR B 289 -17.87 12.61 -12.77
N ALA B 290 -17.01 12.24 -13.74
CA ALA B 290 -16.41 13.20 -14.66
C ALA B 290 -17.49 13.98 -15.42
N LEU B 291 -18.53 13.28 -15.87
CA LEU B 291 -19.63 13.99 -16.60
C LEU B 291 -20.25 15.07 -15.71
N ARG B 292 -20.51 14.76 -14.45
CA ARG B 292 -21.15 15.69 -13.50
C ARG B 292 -20.19 16.84 -13.22
N ILE B 293 -18.87 16.61 -13.12
CA ILE B 293 -17.91 17.73 -12.99
C ILE B 293 -17.96 18.62 -14.22
N LYS B 294 -17.97 18.02 -15.41
CA LYS B 294 -17.97 18.82 -16.67
C LYS B 294 -19.24 19.68 -16.70
N LYS B 295 -20.38 19.09 -16.35
CA LYS B 295 -21.67 19.84 -16.40
C LYS B 295 -21.62 20.98 -15.38
N THR B 296 -21.10 20.72 -14.18
CA THR B 296 -21.00 21.75 -13.11
C THR B 296 -20.08 22.89 -13.57
N LEU B 297 -18.94 22.59 -14.16
CA LEU B 297 -17.99 23.64 -14.64
C LEU B 297 -18.54 24.41 -15.83
N THR B 298 -19.37 23.77 -16.66
CA THR B 298 -20.06 24.43 -17.78
C THR B 298 -21.01 25.51 -17.23
N LYS B 299 -21.61 25.29 -16.04
CA LYS B 299 -22.61 26.20 -15.43
C LYS B 299 -21.95 27.31 -14.59
N ILE B 300 -20.73 27.11 -14.06
CA ILE B 300 -20.00 28.08 -13.19
C ILE B 300 -19.46 29.21 -14.07
N ASP B 301 -19.50 30.45 -13.57
CA ASP B 301 -18.80 31.60 -14.21
C ASP B 301 -18.13 32.44 -13.12
C10 LU8 C . 14.47 -10.98 23.02
C10 LU8 C . 13.95 -11.24 22.88
C13 LU8 C . 12.99 -11.76 26.46
C13 LU8 C . 12.12 -12.18 26.09
C15 LU8 C . 13.59 -10.98 28.79
C15 LU8 C . 12.59 -11.64 28.57
C17 LU8 C . 15.42 -10.00 30.37
C17 LU8 C . 13.36 -12.56 30.79
C20 LU8 C . 12.95 -9.70 30.78
C20 LU8 C . 11.04 -12.82 30.30
C21 LU8 C . 12.99 -9.68 29.26
C21 LU8 C . 11.22 -12.28 28.88
C22 LU8 C . 14.82 -10.28 26.75
C22 LU8 C . 13.99 -10.87 26.66
C24 LU8 C . 14.28 -12.05 22.11
C24 LU8 C . 13.91 -12.25 21.92
C26 LU8 C . 13.14 -13.55 19.58
C26 LU8 C . 13.04 -13.61 19.21
C01 LU8 C . 17.55 -14.03 17.24
C01 LU8 C . 17.54 -13.98 17.28
C03 LU8 C . 15.21 -14.20 17.89
C03 LU8 C . 15.22 -14.27 17.75
C04 LU8 C . 15.36 -13.17 18.86
C04 LU8 C . 15.35 -13.31 18.76
C05 LU8 C . 14.33 -12.85 19.70
C05 LU8 C . 14.23 -12.98 19.52
C06 LU8 C . 14.48 -11.79 20.74
C06 LU8 C . 14.25 -11.97 20.59
C07 LU8 C . 14.86 -10.56 20.31
C07 LU8 C . 14.70 -10.70 20.26
C09 LU8 C . 14.82 -9.73 22.47
C09 LU8 C . 14.37 -9.98 22.45
C11 LU8 C . 14.26 -11.01 24.52
C11 LU8 C . 13.58 -11.39 24.34
C12 LU8 C . 13.22 -11.74 25.06
C12 LU8 C . 12.44 -12.09 24.73
C14 LU8 C . 13.79 -11.01 27.30
C14 LU8 C . 12.89 -11.59 27.07
C16 LU8 C . 14.94 -11.19 29.51
C16 LU8 C . 13.73 -12.36 29.31
C19 LU8 C . 14.46 -10.45 32.58
C19 LU8 C . 12.62 -14.58 29.82
C23 LU8 C . 15.05 -10.28 25.36
C23 LU8 C . 14.33 -10.75 25.29
C25 LU8 C . 13.93 -13.46 22.55
C25 LU8 C . 13.49 -13.64 22.37
C27 LU8 C . 12.96 -14.55 18.61
C27 LU8 C . 12.92 -14.58 18.20
C29 LU8 C . 10.59 -14.94 19.19
C29 LU8 C . 10.61 -15.16 18.72
C30 LU8 C . 14.03 -14.89 17.80
C30 LU8 C . 14.05 -14.91 17.49
C32 LU8 C . 13.65 -15.59 15.52
C32 LU8 C . 14.01 -15.31 15.21
N08 LU8 C . 15.03 -9.54 21.18
N08 LU8 C . 14.72 -9.73 21.18
N18 LU8 C . 14.33 -9.64 31.33
N18 LU8 C . 12.25 -13.52 30.78
O02 LU8 C . 16.23 -14.59 17.03
O02 LU8 C . 16.31 -14.66 17.00
O28 LU8 C . 11.77 -15.23 18.42
O28 LU8 C . 11.75 -15.24 17.86
O31 LU8 C . 13.88 -15.93 16.87
O31 LU8 C . 13.96 -15.85 16.50
C1 EDO D . 13.06 -3.76 13.08
O1 EDO D . 14.09 -2.74 13.21
C2 EDO D . 12.85 -4.37 14.38
O2 EDO D . 13.88 -5.16 14.90
C1 EDO E . -14.91 -20.34 24.23
O1 EDO E . -15.11 -20.66 25.64
C2 EDO E . -13.59 -20.74 23.71
O2 EDO E . -12.40 -20.24 24.42
C1 EDO F . -16.45 -35.20 14.06
O1 EDO F . -17.52 -35.50 14.95
C2 EDO F . -15.20 -35.89 14.46
O2 EDO F . -14.83 -35.75 15.83
C1 EDO G . -4.34 -23.87 28.90
O1 EDO G . -5.24 -23.93 27.78
C2 EDO G . -4.81 -23.31 30.18
O2 EDO G . -5.97 -23.90 30.76
S DMS H . 20.76 -0.14 12.92
O DMS H . 21.74 -0.96 12.07
C1 DMS H . 21.19 1.56 12.74
C2 DMS H . 19.20 -0.13 12.06
C10 LU8 I . 31.63 -6.45 7.88
C13 LU8 I . 30.21 -5.08 4.70
C15 LU8 I . 31.11 -4.48 2.47
C17 LU8 I . 31.52 -2.54 0.89
C20 LU8 I . 31.41 -4.82 0.07
C21 LU8 I . 31.73 -5.39 1.45
C22 LU8 I . 32.55 -5.38 4.40
C24 LU8 I . 31.00 -7.58 8.34
C26 LU8 I . 31.14 -10.54 9.50
C01 LU8 I . 28.49 -9.76 13.75
C03 LU8 I . 29.57 -10.68 11.77
C04 LU8 I . 29.94 -9.45 11.34
C05 LU8 I . 30.73 -9.36 10.20
C06 LU8 I . 31.25 -8.07 9.61
C07 LU8 I . 32.20 -7.42 10.42
C09 LU8 I . 32.55 -5.85 8.75
C11 LU8 I . 31.50 -5.91 6.54
C12 LU8 I . 30.31 -5.54 5.99
C14 LU8 I . 31.34 -4.99 3.87
C16 LU8 I . 31.70 -3.11 2.31
C19 LU8 I . 31.86 -3.03 -1.48
C23 LU8 I . 32.64 -5.85 5.72
C25 LU8 I . 29.99 -8.26 7.47
C27 LU8 I . 30.73 -11.78 9.96
C29 LU8 I . 31.70 -12.95 8.13
C30 LU8 I . 29.96 -11.84 11.10
C32 LU8 I . 28.15 -13.44 11.35
N08 LU8 I . 32.78 -6.30 9.97
N18 LU8 I . 32.04 -3.51 -0.10
O02 LU8 I . 28.81 -10.86 12.90
O28 LU8 I . 31.08 -12.99 9.42
O31 LU8 I . 29.52 -13.02 11.64
C10 LU8 J . 29.51 -2.00 6.27
C13 LU8 J . 29.64 -0.06 3.04
C15 LU8 J . 28.51 -0.15 0.86
C17 LU8 J . 27.68 1.88 -0.43
C20 LU8 J . 27.75 -0.37 -1.52
C21 LU8 J . 27.86 -1.06 -0.14
C22 LU8 J . 27.99 -1.78 2.75
C24 LU8 J . 28.60 -2.35 7.28
C26 LU8 J . 27.34 -4.44 9.45
C01 LU8 J . 26.75 -0.63 12.53
C03 LU8 J . 26.62 -2.67 11.40
C04 LU8 J . 27.64 -2.31 10.54
C05 LU8 J . 27.99 -3.18 9.54
C06 LU8 J . 29.01 -2.81 8.52
C07 LU8 J . 30.39 -2.96 8.76
C09 LU8 J . 30.88 -2.18 6.64
C11 LU8 J . 29.22 -1.52 4.89
C12 LU8 J . 29.94 -0.46 4.33
C14 LU8 J . 28.68 -0.69 2.23
C16 LU8 J . 27.75 1.15 0.93
C19 LU8 J . 27.75 1.71 -2.80
C23 LU8 J . 28.27 -2.18 4.06
C25 LU8 J . 27.13 -2.15 7.05
C27 LU8 J . 26.40 -4.80 10.35
C29 LU8 J . 26.01 -6.93 9.37
C30 LU8 J . 25.99 -3.90 11.32
C32 LU8 J . 25.05 -4.74 13.48
N08 LU8 J . 31.28 -2.62 7.79
N18 LU8 J . 28.20 1.06 -1.54
O02 LU8 J . 26.17 -1.93 12.43
O28 LU8 J . 25.65 -5.96 10.36
O31 LU8 J . 24.97 -4.22 12.18
C4 T5Y K . 13.32 -5.63 0.11
N T5Y K . 12.88 -5.72 1.36
C T5Y K . 11.61 -5.45 1.68
O T5Y K . 11.19 -5.52 2.97
C1 T5Y K . 10.72 -5.08 0.67
C2 T5Y K . 11.17 -4.97 -0.64
C3 T5Y K . 12.50 -5.25 -0.89
C4 T5Y L . 29.84 -14.54 14.51
N T5Y L . 30.39 -14.30 15.69
C T5Y L . 30.51 -15.29 16.54
O T5Y L . 31.05 -14.97 17.74
C1 T5Y L . 30.07 -16.59 16.33
C2 T5Y L . 29.47 -16.83 15.12
C3 T5Y L . 29.38 -15.80 14.22
C4 T5Y M . 2.47 -18.12 23.32
C4 T5Y M . 2.52 -18.31 22.21
C4 T5Y M . 0.54 -18.30 24.32
C4 T5Y M . 0.91 -17.04 23.07
N T5Y M . 1.41 -17.51 23.84
N T5Y M . 2.07 -19.54 22.03
N T5Y M . 1.27 -17.73 23.40
N T5Y M . 1.96 -17.61 22.44
C T5Y M . 0.27 -18.16 24.00
C T5Y M . 1.09 -20.02 22.76
C T5Y M . 2.01 -18.44 22.57
C T5Y M . 2.09 -18.93 22.84
O T5Y M . -0.83 -17.50 24.55
O T5Y M . 0.62 -21.31 22.53
O T5Y M . 2.72 -17.63 21.69
O T5Y M . 3.04 -19.86 22.38
C1 T5Y M . 0.15 -19.49 23.63
C1 T5Y M . 0.51 -19.27 23.75
C1 T5Y M . 2.04 -19.84 22.65
C1 T5Y M . 1.28 -19.54 23.80
C2 T5Y M . 1.23 -20.16 23.09
C2 T5Y M . 0.95 -17.98 23.99
C2 T5Y M . 1.22 -20.50 23.60
C2 T5Y M . 0.23 -18.92 24.42
C3 T5Y M . 2.41 -19.45 22.94
C3 T5Y M . 1.97 -17.50 23.18
C3 T5Y M . 0.47 -19.69 24.47
C3 T5Y M . 0.00 -17.60 24.04
S SO4 N . 14.02 -1.14 20.89
O1 SO4 N . 14.33 -1.38 19.50
O2 SO4 N . 13.17 0.04 20.99
O3 SO4 N . 13.31 -2.28 21.38
O4 SO4 N . 15.23 -0.93 21.67
S SO4 O . -18.58 -12.03 30.94
O1 SO4 O . -19.40 -11.40 29.92
O2 SO4 O . -17.82 -11.11 31.66
O3 SO4 O . -17.72 -12.95 30.27
O4 SO4 O . -19.42 -12.83 31.84
S SO4 P . 0.76 -24.28 24.68
O1 SO4 P . 1.74 -23.29 25.12
O2 SO4 P . -0.08 -23.75 23.64
O3 SO4 P . 1.40 -25.49 24.17
O4 SO4 P . -0.08 -24.62 25.84
C1 EDO Q . 36.61 -6.58 0.03
O1 EDO Q . 37.71 -6.02 0.71
C2 EDO Q . 35.33 -6.53 0.78
O2 EDO Q . 35.41 -7.05 2.10
C1 EDO R . -20.04 -1.14 32.03
O1 EDO R . -20.43 0.20 31.79
C2 EDO R . -18.66 -1.52 31.54
O2 EDO R . -17.84 -2.11 32.51
C1 EDO S . 9.24 -24.51 23.64
O1 EDO S . 9.89 -25.57 24.32
C2 EDO S . 8.91 -24.89 22.26
O2 EDO S . 9.84 -24.38 21.34
C1 EDO T . -11.16 -16.19 33.90
O1 EDO T . -12.06 -17.00 33.13
C2 EDO T . -10.38 -15.16 33.14
O2 EDO T . -11.14 -14.20 32.37
C10 LU8 U . 6.10 19.09 -23.72
C13 LU8 U . 8.42 21.99 -22.93
C15 LU8 U . 9.21 23.06 -20.88
C17 LU8 U . 9.34 24.71 -18.96
C20 LU8 U . 10.98 22.91 -19.05
C21 LU8 U . 10.49 22.38 -20.40
C22 LU8 U . 7.59 21.08 -20.82
C24 LU8 U . 6.00 17.71 -23.38
C26 LU8 U . 4.40 15.09 -22.64
C01 LU8 U . 5.78 12.44 -26.64
C03 LU8 U . 4.94 13.13 -24.48
C04 LU8 U . 5.18 14.45 -24.81
C05 LU8 U . 4.91 15.47 -23.93
C06 LU8 U . 5.14 16.93 -24.22
C07 LU8 U . 4.54 17.43 -25.36
C09 LU8 U . 5.42 19.53 -24.85
C11 LU8 U . 6.94 20.07 -22.93
C12 LU8 U . 7.68 21.04 -23.63
C14 LU8 U . 8.39 22.01 -21.56
C16 LU8 U . 8.46 23.65 -19.69
C19 LU8 U . 11.61 25.00 -18.00
C23 LU8 U . 6.87 20.13 -21.52
C25 LU8 U . 6.75 17.11 -22.19
C27 LU8 U . 4.16 13.76 -22.34
C29 LU8 U . 3.45 14.34 -20.12
C30 LU8 U . 4.48 12.81 -23.22
C32 LU8 U . 3.10 10.91 -23.32
N08 LU8 U . 4.68 18.79 -25.64
N18 LU8 U . 10.77 24.37 -19.07
O02 LU8 U . 5.22 12.10 -25.35
O28 LU8 U . 3.68 13.34 -21.10
O31 LU8 U . 4.30 11.46 -22.91
S SO4 V . -0.48 24.31 -29.53
O1 SO4 V . 0.65 24.78 -30.31
O2 SO4 V . -1.54 25.28 -29.52
O3 SO4 V . -0.99 23.09 -30.07
O4 SO4 V . 0.00 24.07 -28.20
C1 EDO W . -3.46 18.75 3.97
O1 EDO W . -3.99 19.82 4.61
C2 EDO W . -2.21 19.01 3.33
O2 EDO W . -2.10 20.05 2.49
S DMS X . -28.52 17.70 -15.77
O DMS X . -27.25 18.48 -15.94
C1 DMS X . -28.09 15.98 -15.84
C2 DMS X . -28.91 17.77 -14.03
C4 T5Y Y . 4.34 13.53 -39.37
C4 T5Y Y . 3.41 15.64 -38.15
N T5Y Y . 3.03 13.35 -39.26
N T5Y Y . 4.68 15.42 -38.45
C T5Y Y . 2.30 14.17 -38.53
C T5Y Y . 5.04 14.27 -39.00
O T5Y Y . 0.92 13.96 -38.43
O T5Y Y . 6.36 14.03 -39.32
C1 T5Y Y . 2.88 15.24 -37.86
C1 T5Y Y . 4.12 13.30 -39.35
C2 T5Y Y . 4.25 15.47 -37.95
C2 T5Y Y . 2.79 13.51 -39.07
C3 T5Y Y . 4.98 14.58 -38.73
C3 T5Y Y . 2.43 14.69 -38.44
C1 EDO Z . -4.97 17.76 -29.32
O1 EDO Z . -5.76 16.60 -29.30
C2 EDO Z . -3.73 17.90 -28.52
O2 EDO Z . -2.44 17.47 -28.95
C1 EDO AA . -15.85 9.56 3.67
O1 EDO AA . -16.56 9.31 2.46
C2 EDO AA . -16.06 10.90 4.22
O2 EDO AA . -15.30 11.82 3.46
C1 EDO BA . -1.84 39.74 -8.99
O1 EDO BA . -3.02 40.41 -8.58
C2 EDO BA . -1.14 39.14 -7.82
O2 EDO BA . -1.76 39.50 -6.59
#